data_5MV0
#
_entry.id   5MV0
#
_cell.length_a   56.970
_cell.length_b   112.342
_cell.length_c   153.848
_cell.angle_alpha   90.00
_cell.angle_beta   90.00
_cell.angle_gamma   90.00
#
_symmetry.space_group_name_H-M   'P 21 21 21'
#
loop_
_entity.id
_entity.type
_entity.pdbx_description
1 polymer 'L protein'
2 non-polymer 'PHOSPHATE ION'
3 water water
#
_entity_poly.entity_id   1
_entity_poly.type   'polypeptide(L)'
_entity_poly.pdbx_seq_one_letter_code
;GPMDPDTNLLKNVILEILSIEPDLYKQSSIVDDPYKLAMSAIRLRATIHELNCCRDLGIIHNTKEISLNMVIDRAIPIHP
TFQHIVPDGYTIDRANMTIIVLEASTRSMPSDQKRKITSDKLKYSGVEDHLKHEGWLFNIIVISETKPRNGNVPERLLFE
LLKLSLSILSYSDKSSQWISEEEYDELKRSLTTYDFKTLTSEFSGTK
;
_entity_poly.pdbx_strand_id   A,B,C,D
#
loop_
_chem_comp.id
_chem_comp.type
_chem_comp.name
_chem_comp.formula
PO4 non-polymer 'PHOSPHATE ION' 'O4 P -3'
#
# COMPACT_ATOMS: atom_id res chain seq x y z
N PRO A 2 -16.98 27.88 4.70
CA PRO A 2 -17.80 27.04 5.60
C PRO A 2 -17.53 25.55 5.40
N MET A 3 -17.60 25.12 4.14
CA MET A 3 -17.09 23.80 3.77
C MET A 3 -15.59 23.80 3.53
N ASP A 4 -14.96 24.98 3.57
CA ASP A 4 -13.56 25.11 3.17
C ASP A 4 -12.64 24.29 4.07
N PRO A 5 -12.69 24.39 5.40
CA PRO A 5 -11.80 23.54 6.21
C PRO A 5 -11.97 22.05 5.93
N ASP A 6 -13.21 21.57 5.79
CA ASP A 6 -13.42 20.15 5.45
C ASP A 6 -12.76 19.80 4.12
N THR A 7 -12.97 20.62 3.10
CA THR A 7 -12.44 20.35 1.77
C THR A 7 -10.91 20.32 1.78
N ASN A 8 -10.30 21.36 2.38
CA ASN A 8 -8.85 21.43 2.48
C ASN A 8 -8.27 20.18 3.14
N LEU A 9 -8.85 19.79 4.27
CA LEU A 9 -8.34 18.61 4.97
C LEU A 9 -8.57 17.34 4.15
N LEU A 10 -9.75 17.21 3.53
CA LEU A 10 -10.03 15.99 2.78
C LEU A 10 -9.11 15.86 1.57
N LYS A 11 -8.79 16.98 0.93
CA LYS A 11 -7.82 16.93 -0.16
C LYS A 11 -6.49 16.37 0.32
N ASN A 12 -6.02 16.80 1.49
CA ASN A 12 -4.74 16.33 1.99
C ASN A 12 -4.81 14.88 2.44
N VAL A 13 -5.96 14.45 2.99
CA VAL A 13 -6.14 13.04 3.36
C VAL A 13 -6.01 12.16 2.12
N ILE A 14 -6.70 12.52 1.04
CA ILE A 14 -6.59 11.74 -0.18
C ILE A 14 -5.16 11.78 -0.70
N LEU A 15 -4.50 12.91 -0.64
CA LEU A 15 -3.16 12.98 -1.09
C LEU A 15 -2.24 12.05 -0.31
N GLU A 16 -2.43 12.01 1.00
CA GLU A 16 -1.64 11.10 1.83
CA GLU A 16 -1.64 11.10 1.81
C GLU A 16 -1.91 9.65 1.46
N ILE A 17 -3.18 9.29 1.27
CA ILE A 17 -3.52 7.92 0.90
C ILE A 17 -2.86 7.52 -0.42
N LEU A 18 -2.86 8.42 -1.40
CA LEU A 18 -2.27 8.08 -2.69
C LEU A 18 -0.75 8.00 -2.62
N SER A 19 -0.13 8.74 -1.68
CA SER A 19 1.28 8.55 -1.40
C SER A 19 1.55 7.14 -0.87
N ILE A 20 0.64 6.61 -0.06
CA ILE A 20 0.83 5.28 0.52
C ILE A 20 0.56 4.17 -0.51
N GLU A 21 -0.56 4.25 -1.22
CA GLU A 21 -0.93 3.27 -2.24
C GLU A 21 -1.04 3.96 -3.61
N PRO A 22 0.09 4.12 -4.31
CA PRO A 22 0.07 4.79 -5.63
C PRO A 22 -0.86 4.16 -6.66
N ASP A 23 -1.12 2.85 -6.58
CA ASP A 23 -2.02 2.24 -7.54
C ASP A 23 -3.41 2.88 -7.50
N LEU A 24 -3.81 3.40 -6.33
CA LEU A 24 -5.09 4.08 -6.19
C LEU A 24 -5.18 5.36 -7.01
N TYR A 25 -4.03 5.94 -7.37
CA TYR A 25 -4.04 7.19 -8.13
C TYR A 25 -4.81 7.02 -9.44
N LYS A 26 -4.66 5.88 -10.12
CA LYS A 26 -5.35 5.69 -11.39
C LYS A 26 -6.85 5.68 -11.20
N GLN A 27 -7.32 5.29 -10.02
CA GLN A 27 -8.74 5.10 -9.77
C GLN A 27 -9.41 6.28 -9.09
N SER A 28 -8.64 7.25 -8.61
CA SER A 28 -9.18 8.27 -7.75
C SER A 28 -8.99 9.63 -8.38
N SER A 29 -9.52 10.65 -7.71
CA SER A 29 -9.41 12.00 -8.22
C SER A 29 -9.27 12.94 -7.03
N ILE A 30 -8.50 13.99 -7.25
CA ILE A 30 -8.37 15.07 -6.30
C ILE A 30 -8.81 16.34 -7.00
N VAL A 31 -9.87 16.96 -6.49
CA VAL A 31 -10.43 18.18 -7.05
C VAL A 31 -10.67 19.14 -5.89
N ASP A 32 -11.04 20.36 -6.22
CA ASP A 32 -11.24 21.39 -5.22
C ASP A 32 -12.71 21.69 -4.97
N ASP A 33 -13.60 21.10 -5.75
CA ASP A 33 -15.03 21.22 -5.54
C ASP A 33 -15.45 20.29 -4.41
N PRO A 34 -16.02 20.81 -3.30
CA PRO A 34 -16.33 19.96 -2.14
C PRO A 34 -17.18 18.75 -2.48
N TYR A 35 -18.17 18.92 -3.35
CA TYR A 35 -19.12 17.84 -3.62
C TYR A 35 -18.48 16.73 -4.43
N LYS A 36 -17.79 17.09 -5.50
CA LYS A 36 -17.10 16.11 -6.33
C LYS A 36 -15.98 15.44 -5.55
N LEU A 37 -15.30 16.20 -4.68
CA LEU A 37 -14.26 15.62 -3.82
C LEU A 37 -14.85 14.65 -2.81
N ALA A 38 -16.01 15.01 -2.23
CA ALA A 38 -16.66 14.11 -1.29
C ALA A 38 -17.01 12.79 -1.96
N MET A 39 -17.56 12.83 -3.18
CA MET A 39 -17.89 11.57 -3.85
C MET A 39 -16.64 10.78 -4.21
N SER A 40 -15.58 11.47 -4.63
CA SER A 40 -14.29 10.79 -4.85
C SER A 40 -13.80 10.08 -3.58
N ALA A 41 -13.93 10.74 -2.43
CA ALA A 41 -13.50 10.15 -1.16
C ALA A 41 -14.29 8.89 -0.85
N ILE A 42 -15.61 8.94 -1.09
CA ILE A 42 -16.47 7.78 -0.81
C ILE A 42 -16.12 6.63 -1.75
N ARG A 43 -16.03 6.99 -2.99
CA ARG A 43 -15.50 5.88 -3.96
CA ARG A 43 -15.48 6.05 -3.92
C ARG A 43 -14.07 5.27 -3.59
N LEU A 44 -13.21 6.19 -3.15
CA LEU A 44 -11.88 5.75 -2.73
C LEU A 44 -11.96 4.82 -1.53
N ARG A 45 -12.84 5.13 -0.59
CA ARG A 45 -13.05 4.26 0.56
C ARG A 45 -13.42 2.85 0.12
N ALA A 46 -14.33 2.72 -0.86
CA ALA A 46 -14.70 1.40 -1.36
C ALA A 46 -13.56 0.74 -2.13
N THR A 47 -12.77 1.54 -2.86
CA THR A 47 -11.69 0.96 -3.67
C THR A 47 -10.54 0.45 -2.80
N ILE A 48 -10.26 1.14 -1.68
CA ILE A 48 -9.26 0.66 -0.73
C ILE A 48 -9.65 -0.70 -0.19
N HIS A 49 -10.93 -0.86 0.18
CA HIS A 49 -11.42 -2.15 0.64
C HIS A 49 -11.20 -3.24 -0.40
N GLU A 50 -11.59 -2.99 -1.67
CA GLU A 50 -11.37 -3.96 -2.74
C GLU A 50 -9.90 -4.30 -2.91
N LEU A 51 -9.07 -3.26 -3.01
CA LEU A 51 -7.63 -3.47 -3.18
C LEU A 51 -7.11 -4.40 -2.10
N ASN A 52 -7.48 -4.15 -0.85
CA ASN A 52 -6.90 -4.94 0.22
C ASN A 52 -7.50 -6.33 0.28
N CYS A 53 -8.80 -6.48 -0.01
CA CYS A 53 -9.35 -7.84 -0.13
C CYS A 53 -8.60 -8.64 -1.19
N CYS A 54 -8.35 -8.04 -2.37
CA CYS A 54 -7.60 -8.71 -3.44
C CYS A 54 -6.20 -9.07 -2.99
N ARG A 55 -5.50 -8.12 -2.38
CA ARG A 55 -4.16 -8.42 -1.91
C ARG A 55 -4.13 -9.52 -0.89
N ASP A 56 -5.06 -9.47 0.06
CA ASP A 56 -5.05 -10.44 1.14
C ASP A 56 -5.32 -11.84 0.64
N LEU A 57 -6.07 -11.97 -0.46
CA LEU A 57 -6.42 -13.25 -1.03
C LEU A 57 -5.51 -13.65 -2.18
N GLY A 58 -4.55 -12.81 -2.54
CA GLY A 58 -3.63 -13.11 -3.62
C GLY A 58 -4.20 -13.07 -5.01
N ILE A 59 -5.20 -12.25 -5.26
CA ILE A 59 -5.82 -12.17 -6.55
C ILE A 59 -5.69 -10.79 -7.19
N ILE A 60 -5.99 -10.70 -8.46
CA ILE A 60 -5.79 -9.47 -9.22
C ILE A 60 -6.94 -8.51 -8.95
N HIS A 61 -6.61 -7.29 -8.55
CA HIS A 61 -7.59 -6.22 -8.43
C HIS A 61 -7.99 -5.74 -9.83
N ASN A 62 -9.28 -5.82 -10.15
CA ASN A 62 -9.77 -5.64 -11.53
C ASN A 62 -9.94 -4.15 -11.87
N THR A 63 -8.84 -3.41 -11.78
CA THR A 63 -8.90 -1.96 -12.00
C THR A 63 -9.23 -1.57 -13.43
N LYS A 64 -8.95 -2.43 -14.40
CA LYS A 64 -9.34 -2.14 -15.78
C LYS A 64 -10.75 -2.60 -16.10
N GLU A 65 -11.46 -3.14 -15.11
CA GLU A 65 -12.89 -3.46 -15.20
C GLU A 65 -13.21 -4.35 -16.39
N ILE A 66 -12.42 -5.41 -16.57
CA ILE A 66 -12.79 -6.43 -17.54
C ILE A 66 -13.97 -7.23 -16.99
N SER A 67 -14.81 -7.71 -17.90
CA SER A 67 -16.04 -8.40 -17.55
C SER A 67 -15.76 -9.88 -17.29
N LEU A 68 -16.77 -10.57 -16.72
CA LEU A 68 -16.66 -12.02 -16.57
C LEU A 68 -16.49 -12.70 -17.92
N ASN A 69 -17.23 -12.27 -18.95
CA ASN A 69 -17.05 -12.86 -20.28
C ASN A 69 -15.60 -12.73 -20.75
N MET A 70 -14.98 -11.59 -20.49
CA MET A 70 -13.59 -11.40 -20.87
C MET A 70 -12.64 -12.28 -20.07
N VAL A 71 -12.89 -12.42 -18.76
CA VAL A 71 -12.09 -13.35 -17.96
C VAL A 71 -12.20 -14.75 -18.54
N ILE A 72 -13.42 -15.19 -18.82
CA ILE A 72 -13.58 -16.55 -19.33
C ILE A 72 -13.01 -16.68 -20.74
N ASP A 73 -13.11 -15.62 -21.57
CA ASP A 73 -12.47 -15.59 -22.89
C ASP A 73 -10.98 -15.89 -22.79
N ARG A 74 -10.33 -15.42 -21.74
CA ARG A 74 -8.90 -15.64 -21.58
C ARG A 74 -8.55 -17.07 -21.21
N ALA A 75 -9.48 -17.81 -20.63
CA ALA A 75 -9.23 -19.16 -20.15
C ALA A 75 -9.78 -20.24 -21.06
N ILE A 76 -10.95 -20.00 -21.59
CA ILE A 76 -11.67 -20.90 -22.41
C ILE A 76 -12.04 -20.23 -23.73
N PRO A 77 -11.48 -20.73 -24.80
CA PRO A 77 -11.73 -20.21 -26.15
C PRO A 77 -13.19 -20.01 -26.55
N ILE A 78 -13.97 -21.04 -26.35
CA ILE A 78 -15.33 -21.07 -26.73
C ILE A 78 -16.24 -21.28 -25.55
N HIS A 79 -17.26 -20.45 -25.42
CA HIS A 79 -18.23 -20.57 -24.35
C HIS A 79 -19.47 -19.75 -24.63
N PRO A 80 -20.58 -20.05 -23.96
CA PRO A 80 -21.79 -19.24 -24.17
C PRO A 80 -21.61 -17.84 -23.59
N THR A 81 -22.31 -16.87 -24.19
CA THR A 81 -22.29 -15.53 -23.63
C THR A 81 -22.95 -15.54 -22.26
N PHE A 82 -22.24 -15.06 -21.25
CA PHE A 82 -22.79 -14.95 -19.91
C PHE A 82 -23.37 -13.57 -19.65
N GLN A 83 -24.11 -13.48 -18.56
CA GLN A 83 -24.51 -12.18 -18.02
C GLN A 83 -23.30 -11.27 -17.87
N HIS A 84 -23.53 -9.97 -18.10
CA HIS A 84 -22.48 -8.99 -17.87
C HIS A 84 -22.24 -8.84 -16.36
N ILE A 85 -21.00 -9.07 -15.95
CA ILE A 85 -20.56 -8.88 -14.56
C ILE A 85 -19.16 -8.29 -14.63
N VAL A 86 -18.85 -7.36 -13.75
CA VAL A 86 -17.49 -6.89 -13.57
C VAL A 86 -17.05 -7.19 -12.13
N PRO A 87 -16.33 -8.27 -11.90
CA PRO A 87 -15.90 -8.60 -10.53
C PRO A 87 -14.90 -7.59 -10.00
N ASP A 88 -14.81 -7.51 -8.67
CA ASP A 88 -13.81 -6.63 -8.09
C ASP A 88 -12.41 -7.19 -8.27
N GLY A 89 -12.28 -8.51 -8.34
CA GLY A 89 -10.99 -9.13 -8.54
C GLY A 89 -11.18 -10.49 -9.19
N TYR A 90 -10.09 -11.01 -9.76
CA TYR A 90 -10.14 -12.32 -10.40
C TYR A 90 -8.73 -12.92 -10.44
N THR A 91 -8.69 -14.18 -10.75
CA THR A 91 -7.50 -14.91 -11.00
C THR A 91 -7.83 -16.13 -11.90
N ILE A 92 -6.96 -16.38 -12.87
CA ILE A 92 -7.09 -17.52 -13.77
C ILE A 92 -5.91 -18.42 -13.47
N ASP A 93 -6.17 -19.56 -12.88
CA ASP A 93 -5.14 -20.57 -12.60
C ASP A 93 -5.24 -21.61 -13.71
N ARG A 94 -4.55 -21.36 -14.82
CA ARG A 94 -4.67 -22.24 -15.99
C ARG A 94 -4.19 -23.65 -15.67
N ALA A 95 -3.12 -23.78 -14.89
CA ALA A 95 -2.57 -25.11 -14.61
C ALA A 95 -3.57 -25.96 -13.84
N ASN A 96 -4.29 -25.37 -12.88
CA ASN A 96 -5.29 -26.08 -12.10
C ASN A 96 -6.69 -25.90 -12.64
N MET A 97 -6.82 -25.30 -13.83
CA MET A 97 -8.11 -25.10 -14.51
C MET A 97 -9.15 -24.56 -13.54
N THR A 98 -8.74 -23.50 -12.83
CA THR A 98 -9.57 -22.85 -11.82
C THR A 98 -9.60 -21.36 -12.08
N ILE A 99 -10.80 -20.78 -11.97
CA ILE A 99 -11.02 -19.35 -12.03
C ILE A 99 -11.60 -18.91 -10.70
N ILE A 100 -11.07 -17.83 -10.14
CA ILE A 100 -11.56 -17.24 -8.90
C ILE A 100 -12.04 -15.83 -9.20
N VAL A 101 -13.19 -15.45 -8.66
CA VAL A 101 -13.66 -14.07 -8.71
C VAL A 101 -13.98 -13.61 -7.30
N LEU A 102 -13.85 -12.29 -7.08
CA LEU A 102 -14.09 -11.71 -5.77
C LEU A 102 -15.07 -10.55 -5.89
N GLU A 103 -16.05 -10.52 -4.99
CA GLU A 103 -16.93 -9.38 -4.78
C GLU A 103 -16.74 -8.91 -3.33
N ALA A 104 -16.36 -7.65 -3.16
CA ALA A 104 -16.08 -7.11 -1.83
C ALA A 104 -16.88 -5.84 -1.61
N SER A 105 -17.40 -5.66 -0.39
CA SER A 105 -18.20 -4.49 -0.06
C SER A 105 -18.15 -4.23 1.44
N THR A 106 -18.64 -3.06 1.84
CA THR A 106 -18.81 -2.73 3.25
C THR A 106 -20.26 -2.37 3.50
N ARG A 107 -20.82 -2.87 4.60
CA ARG A 107 -22.15 -2.50 5.06
C ARG A 107 -22.11 -2.45 6.57
N SER A 108 -22.76 -1.43 7.15
CA SER A 108 -22.62 -1.19 8.58
C SER A 108 -23.25 -2.31 9.41
N MET A 109 -24.40 -2.85 8.96
CA MET A 109 -25.17 -3.80 9.76
C MET A 109 -25.00 -5.23 9.26
N PRO A 110 -24.90 -6.21 10.17
CA PRO A 110 -24.79 -7.61 9.71
C PRO A 110 -25.93 -8.04 8.80
N SER A 111 -27.15 -7.59 9.08
CA SER A 111 -28.28 -7.97 8.23
C SER A 111 -28.12 -7.43 6.82
N ASP A 112 -27.59 -6.21 6.69
CA ASP A 112 -27.33 -5.66 5.35
C ASP A 112 -26.13 -6.34 4.68
N GLN A 113 -25.14 -6.75 5.46
CA GLN A 113 -24.06 -7.53 4.90
C GLN A 113 -24.58 -8.82 4.26
N LYS A 114 -25.51 -9.49 4.95
CA LYS A 114 -26.05 -10.74 4.41
C LYS A 114 -26.84 -10.49 3.12
N ARG A 115 -27.64 -9.42 3.08
CA ARG A 115 -28.38 -9.10 1.88
CA ARG A 115 -28.38 -9.09 1.88
C ARG A 115 -27.45 -8.72 0.73
N LYS A 116 -26.39 -7.97 1.02
CA LYS A 116 -25.45 -7.58 -0.02
C LYS A 116 -24.70 -8.79 -0.55
N ILE A 117 -24.26 -9.67 0.35
CA ILE A 117 -23.63 -10.92 -0.06
C ILE A 117 -24.56 -11.70 -0.97
N THR A 118 -25.84 -11.77 -0.62
CA THR A 118 -26.80 -12.49 -1.46
C THR A 118 -26.91 -11.86 -2.84
N SER A 119 -27.01 -10.53 -2.90
CA SER A 119 -27.19 -9.85 -4.18
C SER A 119 -25.97 -10.01 -5.07
N ASP A 120 -24.76 -10.02 -4.48
CA ASP A 120 -23.54 -10.23 -5.27
C ASP A 120 -23.42 -11.68 -5.75
N LYS A 121 -23.71 -12.67 -4.88
CA LYS A 121 -23.68 -14.06 -5.32
C LYS A 121 -24.67 -14.32 -6.44
N LEU A 122 -25.87 -13.73 -6.33
CA LEU A 122 -26.94 -14.04 -7.28
C LEU A 122 -26.57 -13.60 -8.69
N LYS A 123 -25.69 -12.60 -8.84
CA LYS A 123 -25.24 -12.21 -10.18
C LYS A 123 -24.73 -13.40 -10.98
N TYR A 124 -24.08 -14.35 -10.30
CA TYR A 124 -23.33 -15.42 -10.94
C TYR A 124 -24.15 -16.69 -11.22
N SER A 125 -25.48 -16.63 -11.14
CA SER A 125 -26.30 -17.82 -11.32
C SER A 125 -25.96 -18.51 -12.63
N GLY A 126 -25.78 -19.83 -12.58
CA GLY A 126 -25.54 -20.64 -13.75
C GLY A 126 -24.09 -20.76 -14.18
N VAL A 127 -23.22 -19.85 -13.74
CA VAL A 127 -21.87 -19.81 -14.30
C VAL A 127 -21.06 -21.02 -13.86
N GLU A 128 -21.07 -21.32 -12.56
CA GLU A 128 -20.30 -22.45 -12.05
CA GLU A 128 -20.29 -22.44 -12.06
C GLU A 128 -20.64 -23.73 -12.79
N ASP A 129 -21.94 -23.96 -13.04
CA ASP A 129 -22.35 -25.19 -13.72
CA ASP A 129 -22.35 -25.19 -13.72
C ASP A 129 -21.86 -25.22 -15.16
N HIS A 130 -21.99 -24.10 -15.88
CA HIS A 130 -21.49 -24.06 -17.26
C HIS A 130 -20.00 -24.35 -17.30
N LEU A 131 -19.23 -23.77 -16.38
CA LEU A 131 -17.78 -23.98 -16.38
C LEU A 131 -17.42 -25.41 -16.01
N LYS A 132 -18.20 -26.03 -15.10
CA LYS A 132 -18.00 -27.44 -14.78
C LYS A 132 -18.16 -28.30 -16.04
N HIS A 133 -19.14 -27.97 -16.88
CA HIS A 133 -19.33 -28.72 -18.12
CA HIS A 133 -19.34 -28.70 -18.12
C HIS A 133 -18.15 -28.57 -19.05
N GLU A 134 -17.42 -27.46 -18.97
CA GLU A 134 -16.27 -27.22 -19.82
C GLU A 134 -14.96 -27.60 -19.14
N GLY A 135 -15.01 -28.31 -18.02
CA GLY A 135 -13.83 -28.82 -17.35
C GLY A 135 -13.20 -27.91 -16.30
N TRP A 136 -13.81 -26.79 -15.98
CA TRP A 136 -13.17 -25.77 -15.13
C TRP A 136 -13.90 -25.61 -13.80
N LEU A 137 -13.11 -25.39 -12.75
CA LEU A 137 -13.63 -25.00 -11.44
C LEU A 137 -13.78 -23.47 -11.36
N PHE A 138 -14.88 -23.01 -10.79
CA PHE A 138 -15.22 -21.59 -10.69
C PHE A 138 -15.56 -21.30 -9.23
N ASN A 139 -14.72 -20.52 -8.55
CA ASN A 139 -14.90 -20.21 -7.13
C ASN A 139 -15.25 -18.74 -7.00
N ILE A 140 -16.37 -18.46 -6.32
CA ILE A 140 -16.84 -17.09 -6.10
C ILE A 140 -16.60 -16.74 -4.64
N ILE A 141 -15.80 -15.72 -4.40
CA ILE A 141 -15.54 -15.22 -3.06
C ILE A 141 -16.32 -13.92 -2.90
N VAL A 142 -17.16 -13.85 -1.85
CA VAL A 142 -18.01 -12.69 -1.61
C VAL A 142 -17.83 -12.24 -0.17
N ILE A 143 -17.40 -10.99 0.01
CA ILE A 143 -17.04 -10.42 1.30
C ILE A 143 -17.88 -9.16 1.51
N SER A 144 -18.52 -9.04 2.67
CA SER A 144 -19.17 -7.78 3.05
C SER A 144 -18.91 -7.56 4.53
N GLU A 145 -18.12 -6.54 4.84
CA GLU A 145 -17.62 -6.32 6.18
C GLU A 145 -18.03 -4.93 6.70
N THR A 146 -17.91 -4.75 8.02
CA THR A 146 -18.43 -3.55 8.66
C THR A 146 -17.63 -2.32 8.29
N LYS A 147 -16.30 -2.44 8.23
CA LYS A 147 -15.35 -1.40 7.86
C LYS A 147 -14.58 -1.81 6.63
N PRO A 148 -14.11 -0.84 5.83
CA PRO A 148 -13.19 -1.17 4.74
C PRO A 148 -11.87 -1.70 5.32
N ARG A 149 -11.33 -2.73 4.66
CA ARG A 149 -10.01 -3.21 5.01
C ARG A 149 -8.97 -2.15 4.64
N ASN A 150 -8.13 -1.77 5.61
CA ASN A 150 -7.23 -0.63 5.52
CA ASN A 150 -7.29 -0.62 5.33
C ASN A 150 -5.86 -0.98 4.93
N GLY A 151 -5.36 -2.18 5.22
CA GLY A 151 -4.03 -2.55 4.75
C GLY A 151 -2.98 -1.53 5.18
N ASN A 152 -2.17 -1.05 4.21
CA ASN A 152 -1.13 -0.06 4.46
C ASN A 152 -1.65 1.30 4.91
N VAL A 153 -2.91 1.63 4.65
CA VAL A 153 -3.45 2.95 4.93
C VAL A 153 -3.92 2.98 6.39
N PRO A 154 -3.36 3.87 7.23
CA PRO A 154 -3.82 3.98 8.61
C PRO A 154 -5.33 4.18 8.68
N GLU A 155 -5.97 3.52 9.65
CA GLU A 155 -7.42 3.63 9.74
C GLU A 155 -7.87 5.07 9.98
N ARG A 156 -7.02 5.88 10.62
CA ARG A 156 -7.37 7.28 10.81
C ARG A 156 -7.68 7.98 9.48
N LEU A 157 -6.95 7.62 8.42
CA LEU A 157 -7.25 8.25 7.13
C LEU A 157 -8.58 7.75 6.56
N LEU A 158 -8.87 6.45 6.73
CA LEU A 158 -10.15 5.92 6.29
C LEU A 158 -11.29 6.55 7.07
N PHE A 159 -11.08 6.79 8.37
CA PHE A 159 -12.10 7.46 9.16
C PHE A 159 -12.32 8.88 8.64
N GLU A 160 -11.24 9.58 8.29
CA GLU A 160 -11.40 10.95 7.80
C GLU A 160 -12.11 10.98 6.45
N LEU A 161 -11.84 10.00 5.56
CA LEU A 161 -12.60 9.93 4.31
C LEU A 161 -14.09 9.91 4.61
N LEU A 162 -14.49 9.08 5.57
CA LEU A 162 -15.90 8.96 5.92
C LEU A 162 -16.43 10.21 6.59
N LYS A 163 -15.74 10.68 7.63
CA LYS A 163 -16.24 11.82 8.41
C LYS A 163 -16.31 13.09 7.56
N LEU A 164 -15.25 13.36 6.78
CA LEU A 164 -15.21 14.64 6.07
C LEU A 164 -16.16 14.65 4.87
N SER A 165 -16.27 13.52 4.16
CA SER A 165 -17.23 13.49 3.05
C SER A 165 -18.66 13.69 3.56
N LEU A 166 -18.99 13.07 4.69
CA LEU A 166 -20.33 13.24 5.26
C LEU A 166 -20.54 14.66 5.78
N SER A 167 -19.51 15.25 6.39
CA SER A 167 -19.63 16.64 6.83
C SER A 167 -19.94 17.56 5.65
N ILE A 168 -19.25 17.37 4.53
CA ILE A 168 -19.52 18.18 3.34
C ILE A 168 -20.94 17.94 2.85
N LEU A 169 -21.33 16.67 2.72
CA LEU A 169 -22.61 16.35 2.10
C LEU A 169 -23.80 16.66 3.02
N SER A 170 -23.57 16.75 4.32
CA SER A 170 -24.66 17.04 5.25
C SER A 170 -25.10 18.50 5.19
N TYR A 171 -24.20 19.37 4.80
CA TYR A 171 -24.44 20.79 4.81
C TYR A 171 -25.70 21.29 4.14
N SER A 172 -25.91 20.91 2.91
CA SER A 172 -27.07 21.33 2.19
C SER A 172 -27.68 20.33 1.22
N ASP A 173 -28.87 20.70 0.79
CA ASP A 173 -29.60 19.93 -0.16
C ASP A 173 -28.98 19.91 -1.55
N LYS A 174 -27.98 20.72 -1.82
CA LYS A 174 -27.29 20.56 -3.10
C LYS A 174 -26.66 19.16 -3.23
N SER A 175 -26.47 18.47 -2.10
CA SER A 175 -25.92 17.12 -2.11
C SER A 175 -26.80 16.14 -2.84
N SER A 176 -28.12 16.42 -2.94
CA SER A 176 -29.01 15.49 -3.62
C SER A 176 -28.70 15.37 -5.11
N GLN A 177 -27.95 16.30 -5.68
CA GLN A 177 -27.47 16.09 -7.04
C GLN A 177 -26.39 15.03 -7.09
N TRP A 178 -25.69 14.76 -5.99
CA TRP A 178 -24.45 14.00 -6.00
C TRP A 178 -24.56 12.62 -5.40
N ILE A 179 -25.48 12.39 -4.47
CA ILE A 179 -25.53 11.11 -3.75
C ILE A 179 -26.98 10.72 -3.51
N SER A 180 -27.25 9.42 -3.58
CA SER A 180 -28.59 8.96 -3.24
C SER A 180 -28.80 9.04 -1.74
N GLU A 181 -30.07 9.21 -1.35
CA GLU A 181 -30.40 9.13 0.07
C GLU A 181 -29.97 7.80 0.67
N GLU A 182 -30.13 6.70 -0.07
CA GLU A 182 -29.77 5.39 0.47
C GLU A 182 -28.28 5.29 0.78
N GLU A 183 -27.42 5.77 -0.14
CA GLU A 183 -25.98 5.69 0.13
C GLU A 183 -25.58 6.65 1.23
N TYR A 184 -26.15 7.86 1.23
CA TYR A 184 -25.86 8.77 2.32
C TYR A 184 -26.21 8.15 3.66
N ASP A 185 -27.39 7.51 3.75
CA ASP A 185 -27.81 6.91 5.01
C ASP A 185 -26.88 5.78 5.44
N GLU A 186 -26.46 4.94 4.49
CA GLU A 186 -25.54 3.86 4.83
C GLU A 186 -24.23 4.40 5.37
N LEU A 187 -23.66 5.44 4.74
CA LEU A 187 -22.43 6.04 5.24
C LEU A 187 -22.64 6.71 6.61
N LYS A 188 -23.74 7.44 6.77
CA LYS A 188 -24.01 8.07 8.06
C LYS A 188 -24.15 7.03 9.16
N ARG A 189 -24.89 5.99 8.85
CA ARG A 189 -24.86 4.83 9.69
CA ARG A 189 -24.89 4.82 9.83
C ARG A 189 -23.46 4.24 10.28
N SER A 190 -22.63 4.11 9.24
CA SER A 190 -21.26 3.68 9.53
C SER A 190 -20.52 4.67 10.41
N LEU A 191 -20.77 5.97 10.21
CA LEU A 191 -20.11 6.97 11.06
C LEU A 191 -20.69 6.96 12.47
N THR A 192 -22.02 6.93 12.59
CA THR A 192 -22.64 7.05 13.90
C THR A 192 -22.35 5.83 14.77
N THR A 193 -22.21 4.65 14.17
CA THR A 193 -21.90 3.44 14.92
C THR A 193 -20.43 3.06 14.81
N TYR A 194 -19.59 3.99 14.38
CA TYR A 194 -18.17 3.68 14.20
C TYR A 194 -17.57 3.08 15.47
N ASP A 195 -16.86 1.98 15.30
CA ASP A 195 -16.20 1.29 16.41
C ASP A 195 -14.79 1.87 16.54
N PHE A 196 -14.57 2.66 17.58
CA PHE A 196 -13.32 3.39 17.72
C PHE A 196 -12.22 2.59 18.38
N LYS A 197 -12.51 1.40 18.91
CA LYS A 197 -11.49 0.67 19.65
C LYS A 197 -10.30 0.30 18.77
N THR A 198 -10.53 0.09 17.46
CA THR A 198 -9.42 -0.17 16.57
C THR A 198 -8.64 1.09 16.21
N LEU A 199 -9.24 2.28 16.36
CA LEU A 199 -8.48 3.51 16.18
C LEU A 199 -7.57 3.78 17.36
N THR A 200 -7.93 3.29 18.55
CA THR A 200 -7.09 3.47 19.73
C THR A 200 -5.80 2.68 19.62
N SER A 201 -5.89 1.46 19.10
CA SER A 201 -4.76 0.54 19.06
C SER A 201 -3.81 0.80 17.89
N PRO B 2 -8.08 -12.92 21.04
CA PRO B 2 -7.91 -13.84 19.91
C PRO B 2 -6.43 -14.02 19.53
N MET B 3 -5.66 -12.93 19.56
CA MET B 3 -4.22 -13.01 19.38
C MET B 3 -3.47 -13.27 20.68
N ASP B 4 -4.18 -13.23 21.81
CA ASP B 4 -3.52 -13.42 23.12
C ASP B 4 -2.81 -14.76 23.25
N PRO B 5 -3.43 -15.91 22.96
CA PRO B 5 -2.67 -17.17 23.08
C PRO B 5 -1.38 -17.20 22.29
N ASP B 6 -1.42 -16.82 21.00
CA ASP B 6 -0.19 -16.77 20.22
C ASP B 6 0.80 -15.76 20.80
N THR B 7 0.31 -14.59 21.21
CA THR B 7 1.21 -13.58 21.75
C THR B 7 1.87 -14.04 23.04
N ASN B 8 1.11 -14.65 23.94
CA ASN B 8 1.70 -15.14 25.19
C ASN B 8 2.74 -16.22 24.93
N LEU B 9 2.47 -17.08 23.94
CA LEU B 9 3.41 -18.14 23.61
C LEU B 9 4.67 -17.57 22.97
N LEU B 10 4.53 -16.59 22.08
CA LEU B 10 5.70 -16.00 21.44
C LEU B 10 6.58 -15.29 22.47
N LYS B 11 5.99 -14.65 23.47
CA LYS B 11 6.80 -14.05 24.54
C LYS B 11 7.66 -15.11 25.22
N ASN B 12 7.07 -16.27 25.50
CA ASN B 12 7.81 -17.34 26.12
C ASN B 12 8.94 -17.85 25.23
N VAL B 13 8.68 -18.00 23.92
CA VAL B 13 9.74 -18.39 22.97
C VAL B 13 10.89 -17.39 23.02
N ILE B 14 10.57 -16.09 22.94
CA ILE B 14 11.62 -15.09 22.94
C ILE B 14 12.39 -15.12 24.27
N LEU B 15 11.67 -15.21 25.38
CA LEU B 15 12.32 -15.29 26.68
C LEU B 15 13.27 -16.48 26.75
N GLU B 16 12.85 -17.63 26.23
CA GLU B 16 13.71 -18.81 26.29
C GLU B 16 14.94 -18.63 25.42
N ILE B 17 14.77 -18.10 24.22
CA ILE B 17 15.92 -17.86 23.33
C ILE B 17 16.91 -16.92 23.96
N LEU B 18 16.43 -15.84 24.58
CA LEU B 18 17.35 -14.89 25.19
C LEU B 18 18.00 -15.46 26.46
N SER B 19 17.39 -16.47 27.09
CA SER B 19 18.05 -17.16 28.18
C SER B 19 19.19 -18.03 27.67
N ILE B 20 18.98 -18.68 26.52
CA ILE B 20 19.96 -19.61 25.95
C ILE B 20 21.15 -18.84 25.38
N GLU B 21 20.91 -17.70 24.72
CA GLU B 21 21.96 -16.88 24.10
C GLU B 21 21.79 -15.44 24.54
N PRO B 22 22.23 -15.12 25.77
CA PRO B 22 21.96 -13.78 26.33
C PRO B 22 22.68 -12.64 25.64
N ASP B 23 23.67 -12.90 24.79
CA ASP B 23 24.22 -11.81 23.98
C ASP B 23 23.15 -11.17 23.10
N LEU B 24 22.06 -11.87 22.82
CA LEU B 24 21.00 -11.30 22.02
C LEU B 24 20.11 -10.34 22.81
N TYR B 25 20.18 -10.39 24.14
CA TYR B 25 19.27 -9.60 24.97
C TYR B 25 19.34 -8.12 24.61
N LYS B 26 20.55 -7.61 24.35
CA LYS B 26 20.66 -6.16 24.15
C LYS B 26 20.09 -5.71 22.82
N GLN B 27 19.86 -6.63 21.89
CA GLN B 27 19.33 -6.34 20.58
CA GLN B 27 19.32 -6.30 20.58
C GLN B 27 17.86 -6.70 20.44
N SER B 28 17.21 -7.10 21.52
CA SER B 28 15.86 -7.60 21.39
C SER B 28 14.94 -6.90 22.38
N SER B 29 13.69 -7.34 22.40
CA SER B 29 12.68 -6.69 23.21
C SER B 29 11.51 -7.63 23.37
N ILE B 30 10.83 -7.49 24.49
CA ILE B 30 9.67 -8.31 24.80
C ILE B 30 8.57 -7.35 25.26
N VAL B 31 7.50 -7.25 24.49
CA VAL B 31 6.41 -6.33 24.79
C VAL B 31 5.10 -7.10 24.68
N ASP B 32 4.03 -6.50 25.19
CA ASP B 32 2.70 -7.13 25.13
C ASP B 32 1.95 -6.85 23.83
N ASP B 33 2.34 -5.82 23.10
CA ASP B 33 1.67 -5.51 21.84
C ASP B 33 1.93 -6.62 20.81
N PRO B 34 0.90 -7.28 20.28
CA PRO B 34 1.12 -8.40 19.35
C PRO B 34 1.93 -8.03 18.12
N TYR B 35 1.65 -6.88 17.49
CA TYR B 35 2.36 -6.56 16.26
C TYR B 35 3.80 -6.18 16.55
N LYS B 36 4.02 -5.41 17.61
CA LYS B 36 5.36 -5.06 18.00
C LYS B 36 6.15 -6.30 18.38
N LEU B 37 5.51 -7.23 19.09
CA LEU B 37 6.17 -8.47 19.46
C LEU B 37 6.50 -9.30 18.23
N ALA B 38 5.56 -9.36 17.28
CA ALA B 38 5.82 -10.14 16.06
C ALA B 38 7.03 -9.58 15.32
N MET B 39 7.15 -8.25 15.24
CA MET B 39 8.28 -7.69 14.50
C MET B 39 9.59 -7.91 15.25
N SER B 40 9.56 -7.88 16.58
CA SER B 40 10.76 -8.19 17.35
C SER B 40 11.19 -9.64 17.13
N ALA B 41 10.23 -10.56 17.05
CA ALA B 41 10.55 -11.96 16.78
C ALA B 41 11.20 -12.13 15.42
N ILE B 42 10.66 -11.45 14.40
CA ILE B 42 11.25 -11.50 13.06
C ILE B 42 12.65 -10.91 13.05
N ARG B 43 12.75 -9.81 13.72
CA ARG B 43 14.08 -9.32 13.93
CA ARG B 43 14.22 -9.26 13.84
C ARG B 43 15.23 -10.22 14.62
N LEU B 44 14.65 -10.85 15.64
CA LEU B 44 15.48 -11.78 16.39
C LEU B 44 15.92 -12.97 15.53
N ARG B 45 15.01 -13.48 14.71
CA ARG B 45 15.36 -14.56 13.80
C ARG B 45 16.57 -14.18 12.93
N ALA B 46 16.53 -12.97 12.36
CA ALA B 46 17.64 -12.49 11.53
C ALA B 46 18.90 -12.27 12.36
N THR B 47 18.75 -11.76 13.59
CA THR B 47 19.91 -11.48 14.43
C THR B 47 20.60 -12.77 14.89
N ILE B 48 19.82 -13.82 15.17
CA ILE B 48 20.40 -15.12 15.51
C ILE B 48 21.27 -15.63 14.35
N HIS B 49 20.74 -15.55 13.13
CA HIS B 49 21.51 -15.92 11.95
C HIS B 49 22.82 -15.14 11.87
N GLU B 50 22.77 -13.81 12.01
CA GLU B 50 23.98 -12.99 11.98
C GLU B 50 24.96 -13.42 13.05
N LEU B 51 24.47 -13.61 14.27
CA LEU B 51 25.33 -14.01 15.38
C LEU B 51 26.08 -15.31 15.07
N ASN B 52 25.35 -16.32 14.62
CA ASN B 52 26.00 -17.61 14.43
C ASN B 52 26.91 -17.62 13.21
N CYS B 53 26.60 -16.84 12.17
CA CYS B 53 27.55 -16.67 11.08
C CYS B 53 28.84 -16.03 11.59
N CYS B 54 28.71 -15.03 12.46
CA CYS B 54 29.90 -14.39 13.03
C CYS B 54 30.71 -15.39 13.86
N ARG B 55 30.03 -16.15 14.71
CA ARG B 55 30.73 -17.17 15.49
C ARG B 55 31.44 -18.17 14.60
N ASP B 56 30.77 -18.65 13.55
CA ASP B 56 31.36 -19.65 12.66
C ASP B 56 32.58 -19.10 11.93
N LEU B 57 32.61 -17.78 11.68
CA LEU B 57 33.72 -17.12 11.02
C LEU B 57 34.74 -16.55 11.99
N GLY B 58 34.47 -16.59 13.29
CA GLY B 58 35.40 -16.03 14.28
C GLY B 58 35.53 -14.52 14.25
N ILE B 59 34.49 -13.80 13.87
CA ILE B 59 34.54 -12.34 13.79
C ILE B 59 33.55 -11.73 14.78
N ILE B 60 33.62 -10.40 14.89
CA ILE B 60 32.79 -9.65 15.84
C ILE B 60 31.41 -9.43 15.25
N HIS B 61 30.38 -9.75 16.02
CA HIS B 61 29.01 -9.37 15.65
C HIS B 61 28.81 -7.89 15.93
N ASN B 62 28.43 -7.13 14.91
CA ASN B 62 28.48 -5.66 14.95
C ASN B 62 27.20 -5.08 15.57
N THR B 63 26.94 -5.43 16.83
CA THR B 63 25.74 -4.96 17.52
C THR B 63 25.78 -3.46 17.85
N LYS B 64 26.96 -2.85 17.93
CA LYS B 64 26.99 -1.40 18.11
C LYS B 64 26.79 -0.66 16.80
N GLU B 65 26.71 -1.39 15.69
CA GLU B 65 26.37 -0.84 14.38
C GLU B 65 27.36 0.26 13.96
N ILE B 66 28.64 0.01 14.18
CA ILE B 66 29.64 0.91 13.61
C ILE B 66 29.64 0.74 12.10
N SER B 67 30.02 1.81 11.40
CA SER B 67 29.99 1.81 9.95
C SER B 67 31.30 1.27 9.38
N LEU B 68 31.30 1.06 8.07
CA LEU B 68 32.55 0.70 7.40
C LEU B 68 33.63 1.75 7.64
N ASN B 69 33.27 3.04 7.53
CA ASN B 69 34.24 4.10 7.77
C ASN B 69 34.88 3.98 9.14
N MET B 70 34.09 3.61 10.16
CA MET B 70 34.63 3.46 11.51
C MET B 70 35.48 2.21 11.64
N VAL B 71 35.12 1.14 10.92
CA VAL B 71 35.97 -0.04 10.90
C VAL B 71 37.34 0.31 10.34
N ILE B 72 37.35 1.03 9.21
CA ILE B 72 38.62 1.36 8.58
C ILE B 72 39.40 2.35 9.44
N ASP B 73 38.70 3.25 10.15
CA ASP B 73 39.37 4.12 11.11
C ASP B 73 40.15 3.32 12.14
N ARG B 74 39.62 2.17 12.54
CA ARG B 74 40.30 1.33 13.52
C ARG B 74 41.47 0.56 12.93
N ALA B 75 41.66 0.62 11.61
CA ALA B 75 42.77 -0.03 10.94
C ALA B 75 43.74 0.97 10.31
N ILE B 76 43.21 2.01 9.67
CA ILE B 76 43.98 3.02 8.95
C ILE B 76 43.40 4.38 9.30
N PRO B 77 44.02 5.12 10.22
CA PRO B 77 43.44 6.40 10.66
C PRO B 77 43.13 7.38 9.53
N ILE B 78 43.93 7.39 8.46
CA ILE B 78 43.74 8.35 7.37
C ILE B 78 43.19 7.61 6.16
N HIS B 79 41.99 8.00 5.72
CA HIS B 79 41.40 7.37 4.55
C HIS B 79 40.28 8.24 4.00
N PRO B 80 39.95 8.14 2.72
CA PRO B 80 38.82 8.92 2.20
C PRO B 80 37.51 8.40 2.76
N THR B 81 36.50 9.28 2.70
CA THR B 81 35.16 8.93 3.15
C THR B 81 34.55 7.92 2.18
N PHE B 82 34.20 6.74 2.68
CA PHE B 82 33.53 5.75 1.87
C PHE B 82 32.02 5.89 2.00
N GLN B 83 31.30 5.14 1.16
CA GLN B 83 29.86 5.07 1.31
C GLN B 83 29.50 4.56 2.70
N HIS B 84 28.32 4.93 3.17
CA HIS B 84 27.86 4.48 4.47
C HIS B 84 27.36 3.04 4.35
N ILE B 85 28.00 2.15 5.10
CA ILE B 85 27.65 0.74 5.19
C ILE B 85 27.73 0.35 6.65
N VAL B 86 26.80 -0.46 7.12
CA VAL B 86 26.88 -1.09 8.43
C VAL B 86 26.91 -2.60 8.23
N PRO B 87 28.08 -3.22 8.32
CA PRO B 87 28.16 -4.67 8.13
C PRO B 87 27.58 -5.42 9.32
N ASP B 88 27.14 -6.65 9.06
CA ASP B 88 26.64 -7.49 10.15
C ASP B 88 27.76 -7.92 11.09
N GLY B 89 28.96 -8.10 10.56
CA GLY B 89 30.09 -8.47 11.38
C GLY B 89 31.36 -8.01 10.73
N TYR B 90 32.42 -7.98 11.52
CA TYR B 90 33.73 -7.56 11.02
C TYR B 90 34.82 -8.06 11.95
N THR B 91 36.04 -8.05 11.45
CA THR B 91 37.20 -8.14 12.32
C THR B 91 38.38 -7.47 11.63
N ILE B 92 39.27 -6.90 12.44
CA ILE B 92 40.51 -6.30 11.97
C ILE B 92 41.66 -7.13 12.50
N ASP B 93 42.38 -7.78 11.59
CA ASP B 93 43.56 -8.56 11.93
C ASP B 93 44.77 -7.70 11.58
N ARG B 94 45.31 -7.00 12.57
CA ARG B 94 46.45 -6.13 12.29
C ARG B 94 47.72 -6.93 12.06
N ALA B 95 47.79 -8.15 12.61
CA ALA B 95 48.93 -9.02 12.34
C ALA B 95 49.02 -9.35 10.86
N ASN B 96 47.91 -9.78 10.27
CA ASN B 96 47.85 -10.17 8.86
C ASN B 96 47.42 -9.03 7.95
N MET B 97 47.31 -7.80 8.47
CA MET B 97 46.85 -6.65 7.71
C MET B 97 45.62 -7.02 6.88
N THR B 98 44.60 -7.55 7.56
CA THR B 98 43.40 -8.05 6.90
C THR B 98 42.17 -7.53 7.64
N ILE B 99 41.19 -7.06 6.87
CA ILE B 99 39.86 -6.72 7.37
C ILE B 99 38.87 -7.69 6.76
N ILE B 100 37.98 -8.23 7.58
CA ILE B 100 36.88 -9.06 7.10
C ILE B 100 35.57 -8.35 7.42
N VAL B 101 34.63 -8.38 6.48
CA VAL B 101 33.27 -7.91 6.74
C VAL B 101 32.29 -8.99 6.30
N LEU B 102 31.19 -9.09 7.03
CA LEU B 102 30.17 -10.11 6.80
C LEU B 102 28.83 -9.44 6.51
N GLU B 103 28.15 -9.94 5.48
CA GLU B 103 26.74 -9.63 5.24
C GLU B 103 25.99 -10.95 5.25
N ALA B 104 25.10 -11.12 6.23
CA ALA B 104 24.38 -12.38 6.41
C ALA B 104 22.88 -12.15 6.27
N SER B 105 22.20 -13.10 5.64
CA SER B 105 20.77 -12.99 5.47
C SER B 105 20.19 -14.39 5.28
N THR B 106 18.87 -14.48 5.42
CA THR B 106 18.15 -15.67 5.04
C THR B 106 17.17 -15.31 3.93
N ARG B 107 17.06 -16.21 2.94
CA ARG B 107 16.10 -16.10 1.85
C ARG B 107 15.77 -17.53 1.48
N SER B 108 14.48 -17.84 1.38
CA SER B 108 14.09 -19.25 1.26
C SER B 108 14.42 -19.81 -0.11
N MET B 109 14.31 -18.99 -1.15
CA MET B 109 14.47 -19.44 -2.55
C MET B 109 15.87 -19.10 -3.05
N PRO B 110 16.54 -20.04 -3.72
CA PRO B 110 17.91 -19.77 -4.19
C PRO B 110 18.02 -18.58 -5.12
N SER B 111 17.00 -18.30 -5.94
CA SER B 111 17.09 -17.14 -6.82
C SER B 111 17.02 -15.85 -6.03
N ASP B 112 16.25 -15.83 -4.94
CA ASP B 112 16.27 -14.70 -4.02
C ASP B 112 17.58 -14.61 -3.27
N GLN B 113 18.16 -15.76 -2.89
CA GLN B 113 19.49 -15.75 -2.30
C GLN B 113 20.50 -15.07 -3.21
N LYS B 114 20.43 -15.36 -4.52
CA LYS B 114 21.41 -14.80 -5.45
C LYS B 114 21.27 -13.29 -5.55
N ARG B 115 20.03 -12.80 -5.65
CA ARG B 115 19.79 -11.37 -5.77
C ARG B 115 20.17 -10.65 -4.48
N LYS B 116 19.87 -11.26 -3.33
CA LYS B 116 20.29 -10.68 -2.06
C LYS B 116 21.81 -10.58 -1.98
N ILE B 117 22.50 -11.66 -2.31
CA ILE B 117 23.96 -11.64 -2.29
C ILE B 117 24.50 -10.56 -3.20
N THR B 118 23.90 -10.42 -4.39
CA THR B 118 24.35 -9.40 -5.33
C THR B 118 24.13 -8.00 -4.77
N SER B 119 22.93 -7.74 -4.22
CA SER B 119 22.65 -6.43 -3.65
C SER B 119 23.61 -6.11 -2.50
N ASP B 120 23.92 -7.12 -1.67
CA ASP B 120 24.79 -6.87 -0.52
C ASP B 120 26.22 -6.61 -0.95
N LYS B 121 26.74 -7.40 -1.88
CA LYS B 121 28.12 -7.18 -2.30
C LYS B 121 28.27 -5.87 -3.06
N LEU B 122 27.23 -5.42 -3.76
CA LEU B 122 27.35 -4.20 -4.54
C LEU B 122 27.51 -2.96 -3.65
N LYS B 123 27.09 -3.02 -2.39
CA LYS B 123 27.28 -1.89 -1.49
C LYS B 123 28.74 -1.48 -1.42
N TYR B 124 29.64 -2.44 -1.57
CA TYR B 124 31.06 -2.28 -1.26
C TYR B 124 31.90 -1.86 -2.46
N SER B 125 31.28 -1.41 -3.56
CA SER B 125 32.02 -1.03 -4.76
C SER B 125 33.15 -0.05 -4.44
N GLY B 126 34.35 -0.39 -4.88
CA GLY B 126 35.51 0.48 -4.76
C GLY B 126 36.31 0.31 -3.49
N VAL B 127 35.72 -0.23 -2.43
CA VAL B 127 36.38 -0.27 -1.12
C VAL B 127 37.60 -1.17 -1.16
N GLU B 128 37.46 -2.37 -1.74
CA GLU B 128 38.58 -3.30 -1.72
C GLU B 128 39.80 -2.71 -2.43
N ASP B 129 39.58 -2.06 -3.57
CA ASP B 129 40.68 -1.43 -4.31
C ASP B 129 41.43 -0.44 -3.44
N HIS B 130 40.71 0.38 -2.68
CA HIS B 130 41.38 1.37 -1.83
C HIS B 130 42.23 0.70 -0.76
N LEU B 131 41.73 -0.39 -0.18
CA LEU B 131 42.47 -1.04 0.89
C LEU B 131 43.66 -1.83 0.34
N LYS B 132 43.48 -2.53 -0.78
CA LYS B 132 44.62 -3.25 -1.34
C LYS B 132 45.72 -2.29 -1.75
N HIS B 133 45.35 -1.08 -2.21
CA HIS B 133 46.33 -0.06 -2.53
C HIS B 133 47.22 0.25 -1.34
N GLU B 134 46.72 0.07 -0.12
CA GLU B 134 47.50 0.32 1.08
C GLU B 134 48.16 -0.94 1.61
N GLY B 135 48.12 -2.03 0.86
CA GLY B 135 48.74 -3.27 1.32
C GLY B 135 47.89 -4.12 2.23
N TRP B 136 46.61 -3.77 2.40
CA TRP B 136 45.70 -4.53 3.24
C TRP B 136 44.85 -5.47 2.40
N LEU B 137 44.38 -6.54 3.03
CA LEU B 137 43.35 -7.38 2.47
C LEU B 137 41.98 -6.95 3.00
N PHE B 138 40.98 -6.98 2.14
CA PHE B 138 39.61 -6.62 2.51
C PHE B 138 38.72 -7.73 1.97
N ASN B 139 38.30 -8.64 2.84
CA ASN B 139 37.54 -9.83 2.46
CA ASN B 139 37.54 -9.81 2.44
C ASN B 139 36.07 -9.61 2.80
N ILE B 140 35.22 -9.54 1.78
CA ILE B 140 33.79 -9.35 1.94
C ILE B 140 33.15 -10.73 1.87
N ILE B 141 32.60 -11.20 2.99
CA ILE B 141 31.91 -12.47 3.05
C ILE B 141 30.42 -12.20 3.04
N VAL B 142 29.72 -12.74 2.06
CA VAL B 142 28.29 -12.52 1.87
C VAL B 142 27.62 -13.89 1.88
N ILE B 143 26.74 -14.11 2.85
CA ILE B 143 26.07 -15.39 3.05
C ILE B 143 24.57 -15.16 3.01
N SER B 144 23.87 -15.92 2.18
CA SER B 144 22.41 -15.90 2.16
C SER B 144 21.91 -17.33 2.09
N GLU B 145 21.20 -17.77 3.13
CA GLU B 145 20.87 -19.18 3.32
C GLU B 145 19.38 -19.37 3.50
N THR B 146 18.92 -20.57 3.24
CA THR B 146 17.51 -20.89 3.32
C THR B 146 16.88 -20.73 4.67
N LYS B 147 17.62 -21.12 5.67
CA LYS B 147 17.16 -21.10 7.06
C LYS B 147 18.22 -20.41 7.91
N PRO B 148 17.82 -19.79 9.01
CA PRO B 148 18.82 -19.14 9.87
C PRO B 148 19.70 -20.19 10.53
N ARG B 149 20.98 -19.88 10.63
CA ARG B 149 21.89 -20.70 11.42
C ARG B 149 21.49 -20.59 12.89
N ASN B 150 21.20 -21.71 13.52
CA ASN B 150 20.65 -21.63 14.88
C ASN B 150 21.70 -21.75 15.97
N GLY B 151 22.88 -22.29 15.69
CA GLY B 151 23.91 -22.36 16.71
C GLY B 151 23.42 -23.12 17.94
N ASN B 152 23.55 -22.49 19.12
CA ASN B 152 23.08 -23.10 20.36
C ASN B 152 21.57 -23.02 20.55
N VAL B 153 20.86 -22.28 19.70
CA VAL B 153 19.40 -22.15 19.86
C VAL B 153 18.72 -23.32 19.16
N PRO B 154 17.86 -24.07 19.86
CA PRO B 154 17.16 -25.18 19.20
C PRO B 154 16.36 -24.71 17.99
N GLU B 155 16.43 -25.50 16.91
CA GLU B 155 15.77 -25.09 15.67
CA GLU B 155 15.77 -25.10 15.68
C GLU B 155 14.27 -24.91 15.86
N ARG B 156 13.66 -25.67 16.78
CA ARG B 156 12.23 -25.52 16.98
C ARG B 156 11.87 -24.10 17.43
N LEU B 157 12.75 -23.47 18.21
CA LEU B 157 12.45 -22.12 18.68
C LEU B 157 12.58 -21.09 17.54
N LEU B 158 13.58 -21.25 16.67
CA LEU B 158 13.64 -20.42 15.46
C LEU B 158 12.39 -20.59 14.63
N PHE B 159 11.91 -21.83 14.51
CA PHE B 159 10.66 -22.08 13.79
C PHE B 159 9.50 -21.35 14.43
N GLU B 160 9.38 -21.44 15.77
CA GLU B 160 8.25 -20.82 16.45
C GLU B 160 8.26 -19.29 16.31
N LEU B 161 9.45 -18.68 16.26
CA LEU B 161 9.49 -17.23 16.00
C LEU B 161 8.78 -16.92 14.69
N LEU B 162 9.03 -17.74 13.68
CA LEU B 162 8.47 -17.51 12.36
C LEU B 162 6.97 -17.84 12.32
N LYS B 163 6.59 -19.01 12.84
CA LYS B 163 5.18 -19.41 12.76
C LYS B 163 4.28 -18.51 13.61
N LEU B 164 4.73 -18.17 14.83
CA LEU B 164 3.86 -17.38 15.72
C LEU B 164 3.78 -15.94 15.26
N SER B 165 4.88 -15.38 14.75
CA SER B 165 4.82 -14.02 14.22
CA SER B 165 4.80 -14.02 14.24
C SER B 165 3.90 -13.94 13.01
N LEU B 166 3.98 -14.94 12.11
CA LEU B 166 3.11 -14.94 10.92
C LEU B 166 1.65 -15.14 11.31
N SER B 167 1.39 -15.99 12.29
CA SER B 167 0.02 -16.17 12.76
C SER B 167 -0.56 -14.86 13.30
N ILE B 168 0.22 -14.15 14.12
CA ILE B 168 -0.20 -12.83 14.61
C ILE B 168 -0.46 -11.88 13.45
N LEU B 169 0.52 -11.75 12.55
CA LEU B 169 0.41 -10.79 11.45
C LEU B 169 -0.67 -11.15 10.45
N SER B 170 -1.07 -12.43 10.37
CA SER B 170 -2.07 -12.87 9.40
C SER B 170 -3.51 -12.67 9.85
N TYR B 171 -3.73 -12.31 11.12
CA TYR B 171 -5.10 -12.20 11.61
C TYR B 171 -5.84 -11.03 10.97
N SER B 172 -5.18 -9.90 10.78
CA SER B 172 -5.78 -8.71 10.22
C SER B 172 -4.75 -8.00 9.34
N ASP B 173 -5.17 -7.55 8.15
CA ASP B 173 -4.22 -6.89 7.26
C ASP B 173 -3.82 -5.50 7.75
N LYS B 174 -4.29 -5.13 8.94
CA LYS B 174 -3.84 -3.91 9.60
C LYS B 174 -2.32 -4.04 9.92
N SER B 175 -1.82 -5.28 10.02
CA SER B 175 -0.40 -5.53 10.20
C SER B 175 0.43 -5.04 9.03
N SER B 176 -0.20 -4.72 7.88
CA SER B 176 0.52 -4.16 6.74
C SER B 176 1.25 -2.87 7.07
N GLN B 177 0.81 -2.13 8.09
CA GLN B 177 1.53 -0.94 8.52
C GLN B 177 2.82 -1.26 9.24
N TRP B 178 3.00 -2.51 9.65
CA TRP B 178 4.17 -2.96 10.38
C TRP B 178 5.16 -3.75 9.53
N ILE B 179 4.71 -4.38 8.45
CA ILE B 179 5.58 -5.25 7.66
C ILE B 179 5.23 -5.08 6.18
N SER B 180 6.27 -5.04 5.34
CA SER B 180 6.07 -4.85 3.92
C SER B 180 5.54 -6.11 3.25
N GLU B 181 4.94 -5.93 2.07
CA GLU B 181 4.46 -7.06 1.29
C GLU B 181 5.59 -8.05 1.00
N GLU B 182 6.76 -7.55 0.62
CA GLU B 182 7.89 -8.43 0.28
C GLU B 182 8.34 -9.24 1.49
N GLU B 183 8.51 -8.60 2.64
CA GLU B 183 8.98 -9.33 3.82
C GLU B 183 7.93 -10.34 4.27
N TYR B 184 6.67 -9.93 4.30
CA TYR B 184 5.61 -10.85 4.68
C TYR B 184 5.58 -12.07 3.75
N ASP B 185 5.70 -11.84 2.45
CA ASP B 185 5.67 -12.96 1.51
C ASP B 185 6.91 -13.85 1.68
N GLU B 186 8.09 -13.25 1.89
CA GLU B 186 9.31 -14.02 2.12
C GLU B 186 9.18 -14.91 3.35
N LEU B 187 8.61 -14.38 4.43
CA LEU B 187 8.42 -15.20 5.62
C LEU B 187 7.40 -16.31 5.36
N LYS B 188 6.33 -16.02 4.61
CA LYS B 188 5.39 -17.07 4.27
C LYS B 188 6.06 -18.18 3.48
N ARG B 189 6.89 -17.82 2.50
CA ARG B 189 7.65 -18.81 1.75
C ARG B 189 8.58 -19.60 2.65
N SER B 190 9.29 -18.90 3.55
CA SER B 190 10.17 -19.59 4.50
C SER B 190 9.40 -20.59 5.35
N LEU B 191 8.15 -20.27 5.70
CA LEU B 191 7.36 -21.20 6.52
C LEU B 191 7.14 -22.52 5.77
N THR B 192 6.88 -22.45 4.45
CA THR B 192 6.58 -23.67 3.70
C THR B 192 7.79 -24.59 3.55
N THR B 193 9.00 -24.15 3.90
CA THR B 193 10.16 -25.03 3.81
C THR B 193 10.35 -25.91 5.04
N TYR B 194 9.53 -25.75 6.08
CA TYR B 194 9.61 -26.65 7.22
C TYR B 194 8.74 -27.87 7.01
N ASP B 195 9.06 -28.94 7.73
CA ASP B 195 8.35 -30.20 7.57
C ASP B 195 6.93 -30.11 8.15
N PHE B 196 6.07 -30.99 7.61
CA PHE B 196 4.66 -31.03 7.99
C PHE B 196 4.47 -31.28 9.49
N LYS B 197 5.35 -32.07 10.10
CA LYS B 197 5.18 -32.37 11.52
C LYS B 197 5.44 -31.14 12.37
N THR B 198 6.53 -30.43 12.07
CA THR B 198 6.83 -29.18 12.77
C THR B 198 5.70 -28.17 12.56
N LEU B 199 5.19 -28.07 11.33
CA LEU B 199 4.18 -27.08 11.00
C LEU B 199 2.87 -27.30 11.74
N THR B 200 2.53 -28.56 12.06
CA THR B 200 1.21 -28.88 12.58
C THR B 200 1.21 -29.34 14.03
N SER B 201 2.36 -29.55 14.64
CA SER B 201 2.38 -30.09 16.00
C SER B 201 2.14 -28.97 17.02
N GLU B 202 1.55 -29.35 18.15
CA GLU B 202 1.34 -28.39 19.22
C GLU B 202 2.68 -28.01 19.84
N PHE B 203 2.83 -26.74 20.18
CA PHE B 203 4.01 -26.25 20.89
C PHE B 203 3.54 -25.56 22.15
N SER B 204 4.14 -25.92 23.28
CA SER B 204 3.67 -25.39 24.54
C SER B 204 4.69 -24.51 25.26
N GLY B 205 5.91 -24.35 24.72
CA GLY B 205 6.85 -23.47 25.40
C GLY B 205 7.33 -24.04 26.72
N THR B 206 7.91 -23.18 27.56
CA THR B 206 8.46 -23.67 28.83
C THR B 206 7.40 -23.66 29.92
N LYS B 207 7.56 -24.56 30.88
CA LYS B 207 6.66 -24.71 32.03
C LYS B 207 7.48 -25.08 33.27
N MET C 3 3.37 14.98 -26.73
CA MET C 3 2.09 14.58 -26.17
C MET C 3 1.18 15.77 -25.88
N ASP C 4 1.78 16.94 -25.64
CA ASP C 4 1.02 18.12 -25.23
C ASP C 4 0.02 18.62 -26.27
N PRO C 5 0.28 18.58 -27.59
CA PRO C 5 -0.79 18.98 -28.51
C PRO C 5 -2.08 18.19 -28.31
N ASP C 6 -1.97 16.86 -28.20
CA ASP C 6 -3.16 16.02 -28.05
C ASP C 6 -3.89 16.32 -26.74
N THR C 7 -3.15 16.41 -25.63
CA THR C 7 -3.81 16.61 -24.33
C THR C 7 -4.38 18.01 -24.20
N ASN C 8 -3.69 19.02 -24.75
CA ASN C 8 -4.26 20.37 -24.75
C ASN C 8 -5.56 20.42 -25.55
N LEU C 9 -5.57 19.77 -26.67
CA LEU C 9 -6.78 19.73 -27.43
C LEU C 9 -7.86 18.94 -26.67
N LEU C 10 -7.49 17.80 -26.11
CA LEU C 10 -8.45 16.96 -25.41
C LEU C 10 -9.08 17.71 -24.24
N LYS C 11 -8.27 18.46 -23.47
CA LYS C 11 -8.84 19.29 -22.42
C LYS C 11 -9.91 20.25 -22.94
N ASN C 12 -9.66 20.92 -24.07
CA ASN C 12 -10.67 21.86 -24.56
CA ASN C 12 -10.64 21.86 -24.61
C ASN C 12 -11.88 21.14 -25.13
N VAL C 13 -11.69 19.96 -25.72
CA VAL C 13 -12.84 19.14 -26.15
C VAL C 13 -13.76 18.83 -24.97
N ILE C 14 -13.16 18.46 -23.84
CA ILE C 14 -13.95 18.14 -22.64
C ILE C 14 -14.72 19.36 -22.15
N LEU C 15 -14.06 20.52 -22.09
CA LEU C 15 -14.79 21.74 -21.70
C LEU C 15 -15.94 22.04 -22.65
N GLU C 16 -15.71 21.92 -23.96
CA GLU C 16 -16.78 22.17 -24.93
CA GLU C 16 -16.80 22.21 -24.88
C GLU C 16 -17.98 21.28 -24.66
N ILE C 17 -17.71 20.00 -24.42
CA ILE C 17 -18.78 19.06 -24.13
C ILE C 17 -19.53 19.48 -22.86
N LEU C 18 -18.78 19.86 -21.82
CA LEU C 18 -19.42 20.29 -20.57
C LEU C 18 -20.27 21.53 -20.78
N SER C 19 -19.84 22.45 -21.67
CA SER C 19 -20.63 23.64 -21.93
C SER C 19 -22.00 23.29 -22.53
N ILE C 20 -22.09 22.16 -23.23
CA ILE C 20 -23.36 21.72 -23.79
C ILE C 20 -24.14 20.85 -22.81
N GLU C 21 -23.48 19.94 -22.09
CA GLU C 21 -24.15 19.07 -21.11
C GLU C 21 -23.42 19.19 -19.77
N PRO C 22 -23.77 20.21 -18.96
CA PRO C 22 -23.01 20.45 -17.73
C PRO C 22 -23.06 19.32 -16.72
N ASP C 23 -24.09 18.48 -16.75
CA ASP C 23 -24.17 17.40 -15.78
CA ASP C 23 -24.18 17.39 -15.79
C ASP C 23 -23.04 16.40 -15.95
N LEU C 24 -22.41 16.35 -17.12
CA LEU C 24 -21.28 15.44 -17.33
C LEU C 24 -20.08 15.80 -16.45
N TYR C 25 -20.14 16.94 -15.75
CA TYR C 25 -19.08 17.31 -14.82
C TYR C 25 -18.94 16.29 -13.70
N LYS C 26 -20.00 15.54 -13.39
CA LYS C 26 -19.89 14.54 -12.34
C LYS C 26 -18.81 13.50 -12.66
N GLN C 27 -18.63 13.25 -13.90
CA GLN C 27 -17.56 12.19 -14.30
CA GLN C 27 -17.72 12.31 -14.46
C GLN C 27 -16.31 12.72 -15.14
N SER C 28 -16.28 14.08 -15.24
CA SER C 28 -15.25 14.61 -16.11
C SER C 28 -13.92 14.72 -15.38
N SER C 29 -12.86 14.94 -16.15
CA SER C 29 -11.54 15.25 -15.63
C SER C 29 -10.83 16.16 -16.62
N ILE C 30 -9.97 17.04 -16.11
CA ILE C 30 -9.19 17.93 -16.96
C ILE C 30 -7.73 17.90 -16.53
N VAL C 31 -7.30 16.78 -15.97
CA VAL C 31 -5.97 16.68 -15.35
C VAL C 31 -4.87 16.75 -16.41
N ASP C 32 -3.65 16.99 -15.95
CA ASP C 32 -2.50 17.07 -16.83
C ASP C 32 -1.94 15.72 -17.24
N ASP C 33 -2.16 14.69 -16.44
CA ASP C 33 -1.65 13.36 -16.75
C ASP C 33 -2.35 12.85 -18.02
N PRO C 34 -1.62 12.70 -19.15
CA PRO C 34 -2.31 12.31 -20.39
C PRO C 34 -3.04 10.97 -20.30
N TYR C 35 -2.48 10.01 -19.57
CA TYR C 35 -3.13 8.70 -19.52
C TYR C 35 -4.42 8.75 -18.71
N LYS C 36 -4.39 9.43 -17.57
CA LYS C 36 -5.60 9.61 -16.79
C LYS C 36 -6.64 10.40 -17.56
N LEU C 37 -6.22 11.48 -18.24
CA LEU C 37 -7.13 12.26 -19.06
C LEU C 37 -7.76 11.42 -20.16
N ALA C 38 -6.96 10.58 -20.84
CA ALA C 38 -7.49 9.75 -21.92
C ALA C 38 -8.51 8.75 -21.42
N MET C 39 -8.23 8.11 -20.27
CA MET C 39 -9.21 7.18 -19.70
C MET C 39 -10.49 7.90 -19.31
N SER C 40 -10.37 9.13 -18.79
CA SER C 40 -11.56 9.88 -18.43
C SER C 40 -12.37 10.25 -19.67
N ALA C 41 -11.70 10.54 -20.78
CA ALA C 41 -12.41 10.87 -22.02
C ALA C 41 -13.11 9.65 -22.59
N ILE C 42 -12.51 8.48 -22.45
CA ILE C 42 -13.15 7.24 -22.88
C ILE C 42 -14.42 6.98 -22.06
N ARG C 43 -14.38 7.22 -20.75
CA ARG C 43 -15.58 7.05 -19.95
C ARG C 43 -16.63 8.10 -20.28
N LEU C 44 -16.20 9.34 -20.54
CA LEU C 44 -17.12 10.38 -20.94
C LEU C 44 -17.85 10.02 -22.24
N ARG C 45 -17.13 9.43 -23.20
CA ARG C 45 -17.76 8.97 -24.43
C ARG C 45 -18.93 8.03 -24.14
N ALA C 46 -18.70 7.03 -23.28
CA ALA C 46 -19.78 6.10 -22.97
C ALA C 46 -20.89 6.77 -22.19
N THR C 47 -20.54 7.72 -21.31
CA THR C 47 -21.53 8.42 -20.51
C THR C 47 -22.42 9.31 -21.38
N ILE C 48 -21.85 9.97 -22.40
CA ILE C 48 -22.66 10.77 -23.31
C ILE C 48 -23.73 9.91 -23.98
N HIS C 49 -23.33 8.72 -24.44
CA HIS C 49 -24.28 7.79 -25.03
C HIS C 49 -25.40 7.42 -24.05
N GLU C 50 -25.02 7.08 -22.81
CA GLU C 50 -26.03 6.81 -21.78
C GLU C 50 -26.99 7.99 -21.59
N LEU C 51 -26.44 9.18 -21.36
CA LEU C 51 -27.28 10.35 -21.10
C LEU C 51 -28.29 10.56 -22.22
N ASN C 52 -27.84 10.44 -23.46
CA ASN C 52 -28.71 10.76 -24.59
C ASN C 52 -29.75 9.67 -24.81
N CYS C 53 -29.37 8.41 -24.60
CA CYS C 53 -30.37 7.34 -24.57
C CYS C 53 -31.41 7.60 -23.49
N CYS C 54 -30.98 8.02 -22.30
CA CYS C 54 -31.95 8.33 -21.25
C CYS C 54 -32.88 9.46 -21.66
N ARG C 55 -32.32 10.50 -22.30
CA ARG C 55 -33.16 11.61 -22.76
C ARG C 55 -34.18 11.14 -23.78
N ASP C 56 -33.74 10.35 -24.75
CA ASP C 56 -34.65 9.85 -25.79
C ASP C 56 -35.78 9.01 -25.20
N LEU C 57 -35.52 8.31 -24.10
CA LEU C 57 -36.52 7.46 -23.46
C LEU C 57 -37.30 8.18 -22.38
N GLY C 58 -36.88 9.39 -21.99
CA GLY C 58 -37.59 10.11 -20.97
C GLY C 58 -37.38 9.58 -19.57
N ILE C 59 -36.21 9.02 -19.28
CA ILE C 59 -35.94 8.41 -18.00
C ILE C 59 -34.72 9.06 -17.34
N ILE C 60 -34.48 8.72 -16.08
CA ILE C 60 -33.41 9.30 -15.28
C ILE C 60 -32.08 8.64 -15.60
N HIS C 61 -31.09 9.45 -15.93
CA HIS C 61 -29.71 8.97 -16.03
C HIS C 61 -29.18 8.66 -14.63
N ASN C 62 -28.77 7.41 -14.40
CA ASN C 62 -28.48 6.90 -13.05
C ASN C 62 -27.07 7.26 -12.58
N THR C 63 -26.79 8.56 -12.49
CA THR C 63 -25.44 8.98 -12.11
C THR C 63 -25.16 8.77 -10.64
N LYS C 64 -26.18 8.61 -9.80
CA LYS C 64 -25.94 8.24 -8.41
C LYS C 64 -25.75 6.74 -8.22
N GLU C 65 -25.90 5.96 -9.29
CA GLU C 65 -25.58 4.53 -9.31
C GLU C 65 -26.37 3.74 -8.28
N ILE C 66 -27.66 4.00 -8.23
CA ILE C 66 -28.50 3.20 -7.34
C ILE C 66 -28.71 1.85 -7.99
N SER C 67 -28.86 0.83 -7.14
CA SER C 67 -28.96 -0.54 -7.64
C SER C 67 -30.41 -0.87 -7.99
N LEU C 68 -30.58 -1.99 -8.70
CA LEU C 68 -31.92 -2.51 -8.94
C LEU C 68 -32.67 -2.73 -7.63
N ASN C 69 -32.01 -3.34 -6.64
CA ASN C 69 -32.69 -3.55 -5.36
C ASN C 69 -33.18 -2.23 -4.76
N MET C 70 -32.38 -1.16 -4.91
CA MET C 70 -32.80 0.15 -4.43
C MET C 70 -33.99 0.68 -5.22
N VAL C 71 -33.97 0.51 -6.54
CA VAL C 71 -35.09 0.95 -7.37
C VAL C 71 -36.38 0.27 -6.91
N ILE C 72 -36.33 -1.04 -6.71
CA ILE C 72 -37.52 -1.77 -6.34
C ILE C 72 -37.96 -1.42 -4.92
N ASP C 73 -37.00 -1.16 -4.01
CA ASP C 73 -37.34 -0.67 -2.68
C ASP C 73 -38.18 0.60 -2.75
N ARG C 74 -37.87 1.48 -3.69
CA ARG C 74 -38.63 2.72 -3.84
C ARG C 74 -40.03 2.48 -4.38
N ALA C 75 -40.25 1.37 -5.08
CA ALA C 75 -41.56 1.07 -5.66
C ALA C 75 -42.37 0.10 -4.82
N ILE C 76 -41.70 -0.92 -4.27
CA ILE C 76 -42.32 -1.99 -3.51
C ILE C 76 -41.47 -2.26 -2.27
N PRO C 77 -41.82 -1.71 -1.11
CA PRO C 77 -40.91 -1.78 0.05
C PRO C 77 -40.49 -3.17 0.46
N ILE C 78 -41.34 -4.18 0.31
CA ILE C 78 -41.00 -5.55 0.70
C ILE C 78 -40.85 -6.39 -0.55
N HIS C 79 -39.69 -7.02 -0.72
CA HIS C 79 -39.41 -7.83 -1.90
C HIS C 79 -38.19 -8.68 -1.62
N PRO C 80 -38.05 -9.83 -2.28
CA PRO C 80 -36.86 -10.66 -2.07
C PRO C 80 -35.63 -9.96 -2.64
N THR C 81 -34.48 -10.29 -2.09
CA THR C 81 -33.22 -9.70 -2.57
C THR C 81 -32.94 -10.16 -4.00
N PHE C 82 -32.74 -9.23 -4.92
CA PHE C 82 -32.36 -9.56 -6.28
C PHE C 82 -30.84 -9.49 -6.47
N GLN C 83 -30.38 -10.00 -7.61
CA GLN C 83 -28.99 -9.83 -8.01
C GLN C 83 -28.63 -8.34 -8.03
N HIS C 84 -27.38 -8.04 -7.68
CA HIS C 84 -26.87 -6.68 -7.78
C HIS C 84 -26.78 -6.27 -9.23
N ILE C 85 -27.46 -5.18 -9.59
CA ILE C 85 -27.40 -4.57 -10.92
C ILE C 85 -27.43 -3.06 -10.71
N VAL C 86 -26.62 -2.33 -11.45
CA VAL C 86 -26.70 -0.88 -11.54
C VAL C 86 -27.05 -0.51 -12.97
N PRO C 87 -28.30 -0.17 -13.25
CA PRO C 87 -28.68 0.21 -14.63
C PRO C 87 -28.15 1.58 -14.98
N ASP C 88 -28.01 1.81 -16.30
CA ASP C 88 -27.56 3.13 -16.76
C ASP C 88 -28.65 4.17 -16.61
N GLY C 89 -29.91 3.75 -16.67
CA GLY C 89 -31.01 4.67 -16.49
C GLY C 89 -32.18 3.91 -15.91
N TYR C 90 -33.12 4.65 -15.34
CA TYR C 90 -34.30 4.03 -14.74
C TYR C 90 -35.39 5.07 -14.62
N THR C 91 -36.62 4.57 -14.44
CA THR C 91 -37.69 5.45 -13.98
C THR C 91 -38.70 4.61 -13.24
N ILE C 92 -39.35 5.23 -12.26
CA ILE C 92 -40.43 4.59 -11.50
C ILE C 92 -41.68 5.41 -11.74
N ASP C 93 -42.66 4.83 -12.43
CA ASP C 93 -43.95 5.48 -12.64
C ASP C 93 -44.93 4.83 -11.66
N ARG C 94 -45.09 5.44 -10.49
CA ARG C 94 -45.94 4.84 -9.46
C ARG C 94 -47.42 4.88 -9.83
N ALA C 95 -47.85 5.92 -10.56
CA ALA C 95 -49.25 6.02 -10.96
C ALA C 95 -49.65 4.85 -11.85
N ASN C 96 -48.75 4.46 -12.73
CA ASN C 96 -48.97 3.37 -13.65
C ASN C 96 -48.28 2.06 -13.31
N MET C 97 -47.76 1.96 -12.11
CA MET C 97 -47.06 0.82 -11.66
C MET C 97 -46.15 0.21 -12.71
N THR C 98 -45.29 1.06 -13.23
CA THR C 98 -44.36 0.68 -14.23
C THR C 98 -42.93 1.10 -13.85
N ILE C 99 -41.97 0.21 -14.06
CA ILE C 99 -40.55 0.47 -13.88
C ILE C 99 -39.86 0.28 -15.24
N ILE C 100 -38.99 1.22 -15.60
CA ILE C 100 -38.16 1.09 -16.78
C ILE C 100 -36.71 1.09 -16.35
N VAL C 101 -35.90 0.20 -16.94
CA VAL C 101 -34.45 0.24 -16.78
C VAL C 101 -33.82 0.26 -18.16
N LEU C 102 -32.66 0.92 -18.24
CA LEU C 102 -31.92 1.03 -19.49
C LEU C 102 -30.50 0.49 -19.33
N GLU C 103 -30.06 -0.28 -20.33
CA GLU C 103 -28.65 -0.67 -20.49
C GLU C 103 -28.21 -0.21 -21.87
N ALA C 104 -27.27 0.74 -21.92
CA ALA C 104 -26.85 1.35 -23.19
C ALA C 104 -25.37 1.15 -23.39
N SER C 105 -24.96 0.86 -24.64
CA SER C 105 -23.55 0.63 -24.91
C SER C 105 -23.26 0.94 -26.37
N THR C 106 -21.97 0.98 -26.70
CA THR C 106 -21.53 1.03 -28.07
C THR C 106 -20.54 -0.11 -28.35
N ARG C 107 -20.68 -0.72 -29.52
CA ARG C 107 -19.74 -1.70 -30.04
C ARG C 107 -19.62 -1.47 -31.53
N SER C 108 -18.42 -1.58 -32.07
CA SER C 108 -18.24 -1.22 -33.48
C SER C 108 -18.87 -2.26 -34.41
N MET C 109 -18.75 -3.56 -34.06
CA MET C 109 -19.24 -4.63 -34.94
C MET C 109 -20.67 -5.01 -34.57
N PRO C 110 -21.58 -5.14 -35.54
CA PRO C 110 -22.94 -5.62 -35.24
C PRO C 110 -22.99 -6.95 -34.52
N SER C 111 -22.06 -7.87 -34.81
CA SER C 111 -22.03 -9.14 -34.09
C SER C 111 -21.69 -8.92 -32.62
N ASP C 112 -20.81 -7.96 -32.33
CA ASP C 112 -20.50 -7.67 -30.93
C ASP C 112 -21.62 -6.90 -30.24
N GLN C 113 -22.37 -6.08 -30.98
CA GLN C 113 -23.57 -5.46 -30.40
C GLN C 113 -24.54 -6.53 -29.91
N LYS C 114 -24.75 -7.58 -30.71
CA LYS C 114 -25.71 -8.60 -30.34
C LYS C 114 -25.21 -9.36 -29.10
N ARG C 115 -23.91 -9.66 -29.03
CA ARG C 115 -23.39 -10.35 -27.85
C ARG C 115 -23.51 -9.46 -26.61
N LYS C 116 -23.19 -8.16 -26.76
CA LYS C 116 -23.34 -7.22 -25.65
C LYS C 116 -24.78 -7.14 -25.17
N ILE C 117 -25.72 -6.98 -26.12
CA ILE C 117 -27.14 -6.95 -25.76
C ILE C 117 -27.52 -8.21 -24.98
N THR C 118 -27.05 -9.37 -25.44
CA THR C 118 -27.39 -10.62 -24.75
C THR C 118 -26.82 -10.63 -23.33
N SER C 119 -25.58 -10.18 -23.13
CA SER C 119 -25.02 -10.21 -21.79
C SER C 119 -25.72 -9.21 -20.87
N ASP C 120 -26.09 -8.05 -21.40
CA ASP C 120 -26.81 -7.07 -20.57
C ASP C 120 -28.21 -7.55 -20.22
N LYS C 121 -28.92 -8.15 -21.17
CA LYS C 121 -30.23 -8.71 -20.88
C LYS C 121 -30.16 -9.84 -19.86
N LEU C 122 -29.16 -10.70 -19.99
CA LEU C 122 -29.06 -11.86 -19.10
C LEU C 122 -28.87 -11.47 -17.65
N LYS C 123 -28.36 -10.25 -17.38
CA LYS C 123 -28.23 -9.80 -15.99
C LYS C 123 -29.55 -9.87 -15.25
N TYR C 124 -30.66 -9.61 -15.94
CA TYR C 124 -31.95 -9.38 -15.32
C TYR C 124 -32.79 -10.63 -15.20
N SER C 125 -32.20 -11.82 -15.38
CA SER C 125 -32.99 -13.04 -15.37
C SER C 125 -33.86 -13.14 -14.12
N GLY C 126 -35.14 -13.42 -14.31
CA GLY C 126 -36.08 -13.63 -13.22
C GLY C 126 -36.72 -12.37 -12.67
N VAL C 127 -36.16 -11.19 -12.96
CA VAL C 127 -36.64 -9.97 -12.30
C VAL C 127 -38.01 -9.58 -12.83
N GLU C 128 -38.19 -9.56 -14.15
CA GLU C 128 -39.49 -9.19 -14.70
C GLU C 128 -40.60 -10.09 -14.20
N ASP C 129 -40.34 -11.39 -14.11
CA ASP C 129 -41.36 -12.32 -13.60
C ASP C 129 -41.78 -11.97 -12.18
N HIS C 130 -40.83 -11.64 -11.30
CA HIS C 130 -41.22 -11.26 -9.94
C HIS C 130 -42.08 -10.00 -9.91
N LEU C 131 -41.71 -8.99 -10.69
CA LEU C 131 -42.48 -7.74 -10.66
C LEU C 131 -43.86 -7.91 -11.29
N LYS C 132 -43.93 -8.60 -12.43
CA LYS C 132 -45.22 -8.86 -13.06
C LYS C 132 -46.14 -9.64 -12.14
N HIS C 133 -45.58 -10.52 -11.30
CA HIS C 133 -46.37 -11.26 -10.32
C HIS C 133 -47.03 -10.35 -9.30
N GLU C 134 -46.52 -9.13 -9.12
CA GLU C 134 -47.13 -8.14 -8.24
C GLU C 134 -47.96 -7.11 -9.02
N GLY C 135 -48.22 -7.35 -10.30
CA GLY C 135 -48.99 -6.42 -11.10
C GLY C 135 -48.24 -5.20 -11.58
N TRP C 136 -46.92 -5.19 -11.50
CA TRP C 136 -46.12 -4.11 -12.05
C TRP C 136 -45.61 -4.49 -13.42
N LEU C 137 -45.35 -3.49 -14.26
CA LEU C 137 -44.58 -3.70 -15.47
C LEU C 137 -43.11 -3.40 -15.21
N PHE C 138 -42.23 -4.16 -15.84
CA PHE C 138 -40.79 -3.98 -15.68
C PHE C 138 -40.20 -4.11 -17.08
N ASN C 139 -39.89 -2.97 -17.70
CA ASN C 139 -39.48 -2.90 -19.09
CA ASN C 139 -39.47 -2.89 -19.10
C ASN C 139 -37.96 -2.69 -19.15
N ILE C 140 -37.26 -3.70 -19.65
CA ILE C 140 -35.80 -3.68 -19.75
C ILE C 140 -35.46 -3.25 -21.17
N ILE C 141 -34.85 -2.09 -21.33
CA ILE C 141 -34.48 -1.55 -22.63
C ILE C 141 -32.97 -1.67 -22.78
N VAL C 142 -32.53 -2.37 -23.82
CA VAL C 142 -31.12 -2.68 -23.98
C VAL C 142 -30.70 -2.21 -25.38
N ILE C 143 -29.72 -1.31 -25.42
CA ILE C 143 -29.31 -0.61 -26.62
C ILE C 143 -27.81 -0.83 -26.79
N SER C 144 -27.40 -1.35 -27.93
CA SER C 144 -25.97 -1.40 -28.25
C SER C 144 -25.77 -0.98 -29.70
N GLU C 145 -25.22 0.22 -29.90
CA GLU C 145 -25.15 0.85 -31.21
C GLU C 145 -23.71 1.08 -31.65
N THR C 146 -23.55 1.37 -32.94
CA THR C 146 -22.21 1.48 -33.52
C THR C 146 -21.43 2.66 -32.94
N LYS C 147 -22.11 3.78 -32.73
CA LYS C 147 -21.62 5.08 -32.33
C LYS C 147 -22.39 5.56 -31.11
N PRO C 148 -21.76 6.36 -30.23
CA PRO C 148 -22.54 7.00 -29.17
C PRO C 148 -23.61 7.90 -29.77
N ARG C 149 -24.79 7.87 -29.17
CA ARG C 149 -25.76 8.91 -29.48
C ARG C 149 -25.20 10.25 -29.01
N ASN C 150 -25.14 11.24 -29.90
CA ASN C 150 -24.52 12.50 -29.52
C ASN C 150 -25.52 13.55 -29.04
N GLY C 151 -26.81 13.38 -29.36
CA GLY C 151 -27.81 14.32 -28.86
C GLY C 151 -27.46 15.73 -29.29
N ASN C 152 -27.35 16.65 -28.32
CA ASN C 152 -26.97 18.04 -28.57
C ASN C 152 -25.47 18.24 -28.78
N VAL C 153 -24.65 17.23 -28.54
CA VAL C 153 -23.20 17.37 -28.65
C VAL C 153 -22.78 17.13 -30.11
N PRO C 154 -22.02 18.04 -30.71
CA PRO C 154 -21.55 17.81 -32.09
C PRO C 154 -20.74 16.54 -32.20
N GLU C 155 -20.98 15.79 -33.26
CA GLU C 155 -20.24 14.56 -33.51
C GLU C 155 -18.74 14.81 -33.55
N ARG C 156 -18.35 15.97 -34.05
CA ARG C 156 -16.95 16.39 -33.99
C ARG C 156 -16.33 16.09 -32.62
N LEU C 157 -17.03 16.46 -31.55
CA LEU C 157 -16.45 16.31 -30.22
C LEU C 157 -16.40 14.85 -29.78
N LEU C 158 -17.42 14.06 -30.13
CA LEU C 158 -17.35 12.63 -29.81
C LEU C 158 -16.24 11.93 -30.58
N PHE C 159 -16.05 12.29 -31.85
CA PHE C 159 -14.93 11.73 -32.59
C PHE C 159 -13.61 12.08 -31.94
N GLU C 160 -13.45 13.35 -31.51
CA GLU C 160 -12.19 13.79 -30.92
C GLU C 160 -11.91 13.07 -29.59
N LEU C 161 -12.94 12.83 -28.78
CA LEU C 161 -12.72 12.04 -27.56
C LEU C 161 -12.05 10.71 -27.90
N LEU C 162 -12.58 10.03 -28.92
CA LEU C 162 -12.03 8.74 -29.30
C LEU C 162 -10.65 8.89 -29.94
N LYS C 163 -10.54 9.78 -30.93
CA LYS C 163 -9.29 9.96 -31.65
C LYS C 163 -8.15 10.35 -30.73
N LEU C 164 -8.36 11.38 -29.90
CA LEU C 164 -7.27 11.89 -29.07
C LEU C 164 -6.92 10.93 -27.94
N SER C 165 -7.92 10.28 -27.34
CA SER C 165 -7.63 9.29 -26.30
C SER C 165 -6.75 8.16 -26.85
N LEU C 166 -7.13 7.60 -28.01
CA LEU C 166 -6.38 6.49 -28.58
C LEU C 166 -4.98 6.92 -29.00
N SER C 167 -4.86 8.14 -29.55
CA SER C 167 -3.55 8.66 -29.90
C SER C 167 -2.64 8.71 -28.67
N ILE C 168 -3.13 9.27 -27.57
CA ILE C 168 -2.38 9.25 -26.32
C ILE C 168 -2.05 7.81 -25.92
N LEU C 169 -3.05 6.92 -25.96
CA LEU C 169 -2.83 5.56 -25.46
C LEU C 169 -2.01 4.69 -26.42
N SER C 170 -1.99 5.00 -27.68
CA SER C 170 -1.20 4.18 -28.59
C SER C 170 0.27 4.57 -28.55
N TYR C 171 0.54 5.72 -27.97
CA TYR C 171 1.87 6.30 -27.80
C TYR C 171 2.91 5.52 -27.08
N SER C 172 2.56 4.53 -26.28
CA SER C 172 3.57 3.80 -25.54
C SER C 172 2.94 2.65 -24.85
N ASP C 173 3.68 1.58 -24.56
CA ASP C 173 2.94 0.54 -23.86
C ASP C 173 2.72 0.85 -22.38
N LYS C 174 3.07 2.07 -21.95
CA LYS C 174 2.65 2.64 -20.67
C LYS C 174 1.14 2.47 -20.50
N SER C 175 0.42 2.56 -21.62
CA SER C 175 -1.02 2.42 -21.64
C SER C 175 -1.51 1.11 -21.03
N SER C 176 -0.66 0.07 -21.02
CA SER C 176 -1.12 -1.22 -20.52
C SER C 176 -1.53 -1.14 -19.05
N GLN C 177 -1.02 -0.20 -18.32
CA GLN C 177 -1.44 -0.08 -16.94
C GLN C 177 -2.78 0.57 -16.76
N TRP C 178 -3.30 1.16 -17.81
CA TRP C 178 -4.50 1.99 -17.73
C TRP C 178 -5.72 1.38 -18.38
N ILE C 179 -5.55 0.44 -19.30
CA ILE C 179 -6.66 -0.03 -20.12
C ILE C 179 -6.36 -1.47 -20.49
N SER C 180 -7.41 -2.29 -20.53
CA SER C 180 -7.24 -3.68 -20.89
C SER C 180 -7.04 -3.80 -22.40
N GLU C 181 -6.42 -4.91 -22.82
CA GLU C 181 -6.27 -5.15 -24.25
C GLU C 181 -7.63 -5.20 -24.93
N GLU C 182 -8.63 -5.78 -24.25
CA GLU C 182 -9.96 -5.94 -24.85
C GLU C 182 -10.60 -4.58 -25.16
N GLU C 183 -10.59 -3.67 -24.19
CA GLU C 183 -11.21 -2.38 -24.40
C GLU C 183 -10.42 -1.55 -25.41
N TYR C 184 -9.10 -1.56 -25.29
CA TYR C 184 -8.26 -0.86 -26.28
C TYR C 184 -8.55 -1.36 -27.70
N ASP C 185 -8.57 -2.69 -27.89
CA ASP C 185 -8.85 -3.22 -29.22
C ASP C 185 -10.22 -2.79 -29.73
N GLU C 186 -11.24 -2.82 -28.87
CA GLU C 186 -12.58 -2.40 -29.30
C GLU C 186 -12.60 -0.92 -29.66
N LEU C 187 -11.94 -0.07 -28.88
CA LEU C 187 -11.91 1.34 -29.23
C LEU C 187 -11.13 1.57 -30.52
N LYS C 188 -10.02 0.87 -30.71
CA LYS C 188 -9.25 0.99 -31.94
C LYS C 188 -10.08 0.55 -33.14
N ARG C 189 -10.90 -0.50 -32.99
CA ARG C 189 -11.85 -0.87 -34.02
C ARG C 189 -12.83 0.25 -34.33
N SER C 190 -13.38 0.89 -33.29
CA SER C 190 -14.33 1.99 -33.52
C SER C 190 -13.68 3.12 -34.29
N LEU C 191 -12.40 3.39 -34.01
CA LEU C 191 -11.70 4.48 -34.67
C LEU C 191 -11.29 4.09 -36.09
N THR C 192 -10.70 2.90 -36.27
CA THR C 192 -10.23 2.52 -37.60
C THR C 192 -11.39 2.33 -38.57
N THR C 193 -12.59 2.03 -38.08
CA THR C 193 -13.76 1.88 -38.94
C THR C 193 -14.67 3.09 -38.87
N TYR C 194 -14.22 4.18 -38.26
CA TYR C 194 -15.04 5.36 -38.12
C TYR C 194 -15.24 6.01 -39.48
N ASP C 195 -16.50 6.19 -39.85
CA ASP C 195 -16.77 6.99 -41.03
C ASP C 195 -17.46 8.31 -40.59
N MET D 3 20.63 6.12 39.98
CA MET D 3 20.11 6.02 38.60
C MET D 3 18.59 6.01 38.47
N ASP D 4 17.92 5.72 39.58
CA ASP D 4 16.46 5.59 39.65
C ASP D 4 15.69 6.79 39.12
N PRO D 5 15.98 8.04 39.53
CA PRO D 5 15.20 9.15 38.96
C PRO D 5 15.35 9.29 37.45
N ASP D 6 16.52 8.97 36.91
CA ASP D 6 16.77 9.23 35.50
C ASP D 6 15.93 8.35 34.59
N THR D 7 15.87 7.05 34.87
CA THR D 7 15.04 6.18 34.02
C THR D 7 13.57 6.50 34.18
N ASN D 8 13.12 6.77 35.40
CA ASN D 8 11.70 7.08 35.59
C ASN D 8 11.30 8.33 34.79
N LEU D 9 12.14 9.36 34.83
CA LEU D 9 11.83 10.54 34.02
C LEU D 9 11.95 10.23 32.53
N LEU D 10 13.01 9.51 32.12
CA LEU D 10 13.16 9.19 30.71
C LEU D 10 11.96 8.40 30.20
N LYS D 11 11.49 7.41 30.99
CA LYS D 11 10.28 6.69 30.62
CA LYS D 11 10.28 6.69 30.60
C LYS D 11 9.13 7.64 30.35
N ASN D 12 8.92 8.61 31.25
CA ASN D 12 7.82 9.56 31.10
C ASN D 12 8.05 10.49 29.91
N VAL D 13 9.31 10.88 29.68
CA VAL D 13 9.61 11.68 28.49
C VAL D 13 9.23 10.93 27.23
N ILE D 14 9.65 9.66 27.14
CA ILE D 14 9.30 8.85 25.97
C ILE D 14 7.78 8.73 25.85
N LEU D 15 7.10 8.44 26.95
CA LEU D 15 5.65 8.30 26.87
C LEU D 15 4.98 9.60 26.43
N GLU D 16 5.51 10.74 26.87
CA GLU D 16 4.93 12.01 26.43
C GLU D 16 5.15 12.23 24.93
N ILE D 17 6.33 11.89 24.41
CA ILE D 17 6.59 12.03 22.98
C ILE D 17 5.61 11.17 22.17
N LEU D 18 5.35 9.95 22.64
CA LEU D 18 4.45 9.06 21.90
C LEU D 18 3.02 9.61 21.88
N SER D 19 2.61 10.33 22.91
CA SER D 19 1.26 10.89 22.89
C SER D 19 1.15 12.02 21.87
N ILE D 20 2.26 12.64 21.51
CA ILE D 20 2.30 13.66 20.47
C ILE D 20 2.44 13.02 19.09
N GLU D 21 3.37 12.06 18.94
CA GLU D 21 3.61 11.40 17.66
C GLU D 21 3.45 9.90 17.84
N PRO D 22 2.22 9.39 17.75
CA PRO D 22 1.99 7.96 18.03
C PRO D 22 2.60 7.00 17.01
N ASP D 23 2.95 7.46 15.81
CA ASP D 23 3.63 6.56 14.86
C ASP D 23 4.98 6.09 15.40
N LEU D 24 5.59 6.86 16.30
CA LEU D 24 6.87 6.47 16.89
C LEU D 24 6.74 5.29 17.82
N TYR D 25 5.50 4.87 18.11
CA TYR D 25 5.29 3.69 18.93
C TYR D 25 5.92 2.45 18.32
N LYS D 26 6.08 2.44 16.99
CA LYS D 26 6.61 1.24 16.33
C LYS D 26 8.05 0.96 16.74
N GLN D 27 8.79 1.99 17.17
CA GLN D 27 10.21 1.87 17.47
CA GLN D 27 10.21 1.89 17.46
C GLN D 27 10.56 2.11 18.94
N SER D 28 9.61 2.57 19.75
CA SER D 28 9.87 2.99 21.11
C SER D 28 10.07 1.80 22.05
N SER D 29 10.55 2.10 23.27
CA SER D 29 10.68 1.14 24.35
C SER D 29 10.53 1.87 25.69
N ILE D 30 9.88 1.22 26.66
CA ILE D 30 9.75 1.79 27.99
C ILE D 30 10.31 0.82 29.02
N VAL D 31 11.25 -0.02 28.59
CA VAL D 31 11.86 -1.02 29.46
C VAL D 31 12.46 -0.42 30.74
N ASP D 32 12.60 -1.28 31.73
CA ASP D 32 13.16 -0.98 33.02
C ASP D 32 14.70 -0.96 33.00
N ASP D 33 15.30 -1.69 32.08
CA ASP D 33 16.75 -1.74 31.94
C ASP D 33 17.27 -0.36 31.55
N PRO D 34 18.01 0.34 32.42
CA PRO D 34 18.41 1.73 32.09
C PRO D 34 19.23 1.86 30.83
N TYR D 35 20.11 0.89 30.57
CA TYR D 35 20.95 0.94 29.37
C TYR D 35 20.14 0.74 28.11
N LYS D 36 19.23 -0.24 28.13
CA LYS D 36 18.40 -0.47 26.96
C LYS D 36 17.46 0.70 26.74
N LEU D 37 16.95 1.28 27.83
CA LEU D 37 16.10 2.46 27.70
C LEU D 37 16.86 3.64 27.11
N ALA D 38 18.11 3.84 27.54
CA ALA D 38 18.93 4.93 27.01
C ALA D 38 19.19 4.75 25.52
N MET D 39 19.54 3.53 25.10
CA MET D 39 19.79 3.30 23.67
C MET D 39 18.52 3.52 22.86
N SER D 40 17.35 3.14 23.40
CA SER D 40 16.13 3.34 22.62
C SER D 40 15.77 4.82 22.55
N ALA D 41 16.04 5.58 23.60
CA ALA D 41 15.88 7.03 23.56
C ALA D 41 16.77 7.67 22.49
N ILE D 42 18.00 7.17 22.37
CA ILE D 42 18.92 7.72 21.37
C ILE D 42 18.40 7.43 19.96
N ARG D 43 17.93 6.20 19.74
CA ARG D 43 17.35 5.86 18.45
CA ARG D 43 17.35 5.86 18.45
C ARG D 43 16.07 6.65 18.19
N LEU D 44 15.28 6.89 19.24
CA LEU D 44 14.06 7.69 19.10
C LEU D 44 14.39 9.12 18.68
N ARG D 45 15.43 9.70 19.27
CA ARG D 45 15.90 11.02 18.86
C ARG D 45 16.16 11.08 17.35
N ALA D 46 16.89 10.09 16.82
CA ALA D 46 17.18 10.05 15.40
C ALA D 46 15.92 9.83 14.58
N THR D 47 15.01 9.00 15.08
CA THR D 47 13.78 8.68 14.37
C THR D 47 12.84 9.87 14.32
N ILE D 48 12.82 10.68 15.38
CA ILE D 48 12.05 11.93 15.36
C ILE D 48 12.54 12.84 14.25
N HIS D 49 13.86 13.01 14.16
CA HIS D 49 14.44 13.82 13.08
C HIS D 49 14.00 13.31 11.71
N GLU D 50 14.08 12.00 11.49
CA GLU D 50 13.68 11.42 10.20
C GLU D 50 12.22 11.70 9.90
N LEU D 51 11.35 11.41 10.87
CA LEU D 51 9.92 11.61 10.70
C LEU D 51 9.61 13.06 10.30
N ASN D 52 10.23 14.01 11.00
CA ASN D 52 9.92 15.42 10.74
C ASN D 52 10.54 15.88 9.43
N CYS D 53 11.71 15.34 9.05
CA CYS D 53 12.21 15.61 7.70
C CYS D 53 11.26 15.06 6.64
N CYS D 54 10.71 13.87 6.87
CA CYS D 54 9.77 13.28 5.92
C CYS D 54 8.49 14.11 5.81
N ARG D 55 7.96 14.58 6.95
CA ARG D 55 6.77 15.43 6.92
C ARG D 55 7.06 16.73 6.15
N ASP D 56 8.20 17.37 6.45
CA ASP D 56 8.55 18.62 5.80
C ASP D 56 8.73 18.44 4.30
N LEU D 57 9.13 17.25 3.87
CA LEU D 57 9.30 16.98 2.44
C LEU D 57 8.07 16.36 1.79
N GLY D 58 7.03 16.06 2.56
CA GLY D 58 5.85 15.40 2.02
C GLY D 58 6.08 14.00 1.49
N ILE D 59 6.90 13.20 2.17
CA ILE D 59 7.22 11.87 1.69
C ILE D 59 6.97 10.83 2.78
N ILE D 60 7.07 9.57 2.39
CA ILE D 60 6.78 8.47 3.29
C ILE D 60 7.97 8.20 4.19
N HIS D 61 7.74 8.13 5.49
CA HIS D 61 8.75 7.67 6.43
C HIS D 61 8.88 6.14 6.34
N ASN D 62 10.06 5.66 5.97
CA ASN D 62 10.24 4.26 5.57
C ASN D 62 10.41 3.35 6.80
N THR D 63 9.39 3.31 7.66
CA THR D 63 9.52 2.54 8.88
C THR D 63 9.47 1.04 8.64
N LYS D 64 8.96 0.60 7.48
CA LYS D 64 9.03 -0.82 7.18
C LYS D 64 10.35 -1.22 6.53
N GLU D 65 11.24 -0.24 6.34
CA GLU D 65 12.62 -0.46 5.89
C GLU D 65 12.68 -1.24 4.57
N ILE D 66 11.82 -0.88 3.63
CA ILE D 66 11.97 -1.46 2.30
C ILE D 66 13.24 -0.89 1.67
N SER D 67 13.82 -1.66 0.76
CA SER D 67 15.09 -1.30 0.16
C SER D 67 14.89 -0.44 -1.07
N LEU D 68 16.00 0.11 -1.57
CA LEU D 68 15.94 0.89 -2.81
C LEU D 68 15.40 0.04 -3.95
N ASN D 69 15.85 -1.22 -4.04
CA ASN D 69 15.32 -2.11 -5.06
C ASN D 69 13.81 -2.25 -4.95
N MET D 70 13.27 -2.27 -3.73
CA MET D 70 11.82 -2.41 -3.58
C MET D 70 11.09 -1.11 -3.89
N VAL D 71 11.70 0.04 -3.57
CA VAL D 71 11.12 1.31 -3.99
C VAL D 71 11.02 1.35 -5.51
N ILE D 72 12.12 1.08 -6.19
CA ILE D 72 12.13 1.10 -7.65
C ILE D 72 11.15 0.09 -8.23
N ASP D 73 11.00 -1.07 -7.58
CA ASP D 73 10.04 -2.08 -8.02
C ASP D 73 8.64 -1.51 -8.12
N ARG D 74 8.28 -0.62 -7.22
CA ARG D 74 6.97 0.03 -7.25
C ARG D 74 6.89 1.13 -8.30
N ALA D 75 7.98 1.40 -9.02
CA ALA D 75 7.93 2.36 -10.12
C ALA D 75 8.26 1.72 -11.44
N ILE D 76 9.33 0.92 -11.51
CA ILE D 76 9.66 0.19 -12.73
C ILE D 76 9.91 -1.27 -12.37
N PRO D 77 8.99 -2.18 -12.75
CA PRO D 77 9.14 -3.59 -12.34
C PRO D 77 10.43 -4.24 -12.81
N ILE D 78 10.90 -3.91 -14.01
CA ILE D 78 12.10 -4.53 -14.58
C ILE D 78 13.24 -3.53 -14.50
N HIS D 79 14.29 -3.91 -13.79
CA HIS D 79 15.49 -3.10 -13.60
C HIS D 79 16.60 -4.01 -13.07
N PRO D 80 17.86 -3.64 -13.26
CA PRO D 80 18.94 -4.43 -12.67
C PRO D 80 18.91 -4.36 -11.15
N THR D 81 19.52 -5.38 -10.55
CA THR D 81 19.65 -5.42 -9.10
C THR D 81 20.64 -4.35 -8.65
N PHE D 82 20.16 -3.37 -7.92
CA PHE D 82 21.04 -2.33 -7.39
C PHE D 82 21.61 -2.75 -6.04
N GLN D 83 22.57 -1.97 -5.57
CA GLN D 83 23.12 -2.14 -4.22
C GLN D 83 22.01 -2.10 -3.18
N HIS D 84 22.22 -2.79 -2.07
CA HIS D 84 21.24 -2.76 -0.99
C HIS D 84 21.33 -1.43 -0.24
N ILE D 85 20.22 -0.70 -0.21
CA ILE D 85 20.09 0.57 0.49
C ILE D 85 18.72 0.61 1.12
N VAL D 86 18.65 1.08 2.37
CA VAL D 86 17.36 1.36 3.01
C VAL D 86 17.30 2.85 3.27
N PRO D 87 16.50 3.61 2.50
CA PRO D 87 16.42 5.05 2.73
C PRO D 87 15.54 5.37 3.92
N ASP D 88 15.79 6.55 4.51
CA ASP D 88 14.96 6.99 5.63
C ASP D 88 13.56 7.37 5.18
N GLY D 89 13.42 7.85 3.94
CA GLY D 89 12.13 8.20 3.40
C GLY D 89 12.14 8.10 1.89
N TYR D 90 10.95 8.00 1.31
CA TYR D 90 10.85 7.92 -0.15
C TYR D 90 9.46 8.33 -0.60
N THR D 91 9.34 8.63 -1.89
CA THR D 91 8.01 8.71 -2.48
C THR D 91 8.10 8.41 -3.97
N ILE D 92 7.00 7.88 -4.50
CA ILE D 92 6.88 7.60 -5.92
C ILE D 92 5.77 8.48 -6.45
N ASP D 93 6.14 9.49 -7.24
CA ASP D 93 5.18 10.39 -7.87
C ASP D 93 4.94 9.86 -9.28
N ARG D 94 3.87 9.08 -9.44
CA ARG D 94 3.56 8.50 -10.74
C ARG D 94 3.10 9.56 -11.73
N ALA D 95 2.42 10.61 -11.25
CA ALA D 95 2.02 11.70 -12.14
C ALA D 95 3.23 12.35 -12.79
N ASN D 96 4.25 12.68 -12.00
CA ASN D 96 5.43 13.39 -12.46
C ASN D 96 6.57 12.47 -12.87
N MET D 97 6.36 11.15 -12.83
CA MET D 97 7.42 10.17 -13.11
C MET D 97 8.70 10.45 -12.33
N THR D 98 8.56 10.64 -11.02
CA THR D 98 9.67 11.00 -10.15
C THR D 98 9.72 10.10 -8.91
N ILE D 99 10.92 9.72 -8.51
CA ILE D 99 11.20 8.99 -7.27
C ILE D 99 12.10 9.84 -6.39
N ILE D 100 11.66 10.11 -5.16
CA ILE D 100 12.45 10.83 -4.17
C ILE D 100 12.90 9.85 -3.09
N VAL D 101 14.16 9.96 -2.64
CA VAL D 101 14.66 9.25 -1.47
C VAL D 101 15.35 10.24 -0.55
N LEU D 102 15.24 10.00 0.77
CA LEU D 102 15.79 10.86 1.80
C LEU D 102 16.79 10.10 2.66
N GLU D 103 17.92 10.75 2.97
CA GLU D 103 18.86 10.31 3.99
C GLU D 103 19.01 11.45 5.00
N ALA D 104 18.57 11.23 6.23
CA ALA D 104 18.56 12.28 7.25
C ALA D 104 19.38 11.87 8.45
N SER D 105 20.13 12.82 9.01
CA SER D 105 20.96 12.55 10.18
C SER D 105 21.17 13.83 10.97
N THR D 106 21.72 13.68 12.16
CA THR D 106 22.20 14.81 12.96
C THR D 106 23.68 14.58 13.27
N ARG D 107 24.45 15.67 13.18
CA ARG D 107 25.86 15.70 13.58
C ARG D 107 26.13 17.06 14.18
N SER D 108 26.85 17.08 15.32
CA SER D 108 27.01 18.33 16.07
C SER D 108 27.89 19.34 15.33
N MET D 109 28.93 18.87 14.61
CA MET D 109 29.87 19.81 13.99
C MET D 109 29.72 19.83 12.47
N PRO D 110 29.83 21.02 11.86
CA PRO D 110 29.64 21.10 10.39
C PRO D 110 30.57 20.21 9.59
N SER D 111 31.81 19.97 10.06
CA SER D 111 32.71 19.12 9.29
C SER D 111 32.22 17.68 9.30
N ASP D 112 31.67 17.22 10.42
CA ASP D 112 31.09 15.88 10.45
C ASP D 112 29.82 15.82 9.60
N GLN D 113 29.01 16.89 9.58
CA GLN D 113 27.85 16.89 8.71
C GLN D 113 28.25 16.70 7.25
N LYS D 114 29.32 17.39 6.82
CA LYS D 114 29.74 17.25 5.43
C LYS D 114 30.23 15.83 5.12
N ARG D 115 30.98 15.23 6.05
CA ARG D 115 31.42 13.85 5.84
C ARG D 115 30.26 12.87 5.90
N LYS D 116 29.28 13.12 6.77
CA LYS D 116 28.11 12.25 6.80
C LYS D 116 27.33 12.35 5.49
N ILE D 117 27.13 13.58 5.01
CA ILE D 117 26.40 13.78 3.75
C ILE D 117 27.08 13.03 2.62
N THR D 118 28.40 13.08 2.58
CA THR D 118 29.16 12.39 1.54
C THR D 118 28.96 10.88 1.61
N SER D 119 29.14 10.30 2.80
CA SER D 119 28.98 8.86 2.95
C SER D 119 27.58 8.41 2.53
N ASP D 120 26.56 9.21 2.84
CA ASP D 120 25.21 8.85 2.48
C ASP D 120 24.98 8.95 0.98
N LYS D 121 25.45 10.04 0.36
CA LYS D 121 25.31 10.20 -1.10
C LYS D 121 26.04 9.10 -1.86
N LEU D 122 27.22 8.70 -1.37
CA LEU D 122 28.04 7.70 -2.07
C LEU D 122 27.32 6.36 -2.18
N LYS D 123 26.40 6.06 -1.26
CA LYS D 123 25.66 4.80 -1.36
C LYS D 123 24.97 4.67 -2.71
N TYR D 124 24.53 5.78 -3.29
CA TYR D 124 23.61 5.77 -4.40
C TYR D 124 24.28 5.84 -5.77
N SER D 125 25.59 5.61 -5.85
CA SER D 125 26.30 5.71 -7.11
C SER D 125 25.64 4.88 -8.21
N GLY D 126 25.46 5.50 -9.37
CA GLY D 126 24.95 4.83 -10.55
C GLY D 126 23.44 4.76 -10.67
N VAL D 127 22.71 4.99 -9.57
CA VAL D 127 21.27 4.76 -9.60
C VAL D 127 20.57 5.80 -10.47
N GLU D 128 20.96 7.07 -10.33
CA GLU D 128 20.29 8.10 -11.13
C GLU D 128 20.54 7.91 -12.61
N ASP D 129 21.77 7.49 -12.98
CA ASP D 129 22.08 7.20 -14.37
C ASP D 129 21.15 6.12 -14.92
N HIS D 130 20.97 5.02 -14.18
CA HIS D 130 20.13 3.94 -14.67
C HIS D 130 18.69 4.40 -14.83
N LEU D 131 18.16 5.09 -13.82
CA LEU D 131 16.80 5.62 -13.94
C LEU D 131 16.74 6.79 -14.91
N LYS D 132 17.85 7.49 -15.12
CA LYS D 132 17.94 8.45 -16.21
C LYS D 132 17.63 7.78 -17.54
N HIS D 133 18.33 6.69 -17.85
CA HIS D 133 18.10 5.97 -19.09
C HIS D 133 16.70 5.38 -19.11
N GLU D 134 16.34 4.64 -18.07
CA GLU D 134 15.04 3.96 -18.04
C GLU D 134 13.88 4.93 -17.86
N GLY D 135 14.11 6.24 -17.99
CA GLY D 135 13.03 7.20 -18.17
C GLY D 135 12.42 7.79 -16.91
N TRP D 136 13.15 7.82 -15.78
CA TRP D 136 12.58 8.32 -14.54
C TRP D 136 13.49 9.36 -13.90
N LEU D 137 12.88 10.28 -13.15
CA LEU D 137 13.64 11.23 -12.34
C LEU D 137 13.85 10.69 -10.94
N PHE D 138 15.07 10.86 -10.43
CA PHE D 138 15.50 10.25 -9.17
C PHE D 138 16.25 11.31 -8.36
N ASN D 139 15.58 11.86 -7.33
CA ASN D 139 16.14 12.93 -6.51
C ASN D 139 16.54 12.37 -5.13
N ILE D 140 17.83 12.44 -4.84
CA ILE D 140 18.40 12.00 -3.56
C ILE D 140 18.53 13.22 -2.68
N ILE D 141 17.79 13.26 -1.58
CA ILE D 141 17.88 14.36 -0.62
C ILE D 141 18.66 13.88 0.60
N VAL D 142 19.72 14.61 0.94
CA VAL D 142 20.60 14.24 2.04
C VAL D 142 20.72 15.42 2.99
N ILE D 143 20.33 15.22 4.24
CA ILE D 143 20.24 16.26 5.24
C ILE D 143 21.04 15.83 6.47
N SER D 144 21.90 16.70 6.97
CA SER D 144 22.64 16.42 8.20
C SER D 144 22.73 17.72 8.98
N GLU D 145 21.95 17.83 10.05
CA GLU D 145 21.76 19.10 10.73
C GLU D 145 22.25 18.98 12.17
N THR D 146 22.43 20.15 12.80
CA THR D 146 23.08 20.20 14.11
C THR D 146 22.21 19.57 15.19
N LYS D 147 20.90 19.77 15.13
CA LYS D 147 19.87 19.32 16.04
C LYS D 147 18.84 18.49 15.28
N PRO D 148 18.21 17.50 15.92
CA PRO D 148 17.07 16.86 15.28
C PRO D 148 15.93 17.86 15.09
N ARG D 149 15.26 17.79 13.94
CA ARG D 149 14.06 18.59 13.73
C ARG D 149 12.98 18.13 14.70
N ASN D 150 12.44 19.06 15.50
CA ASN D 150 11.50 18.71 16.56
CA ASN D 150 11.52 18.61 16.53
C ASN D 150 10.07 18.55 16.05
N GLY D 151 9.69 19.35 15.05
CA GLY D 151 8.32 19.30 14.57
C GLY D 151 7.33 19.65 15.67
N ASN D 152 6.38 18.74 15.90
CA ASN D 152 5.36 18.93 16.93
C ASN D 152 5.84 18.60 18.33
N VAL D 153 7.04 18.02 18.48
CA VAL D 153 7.55 17.61 19.77
C VAL D 153 8.27 18.81 20.38
N PRO D 154 7.90 19.26 21.58
CA PRO D 154 8.63 20.36 22.21
C PRO D 154 10.11 20.03 22.38
N GLU D 155 10.96 21.02 22.08
CA GLU D 155 12.40 20.78 22.11
C GLU D 155 12.86 20.33 23.48
N ARG D 156 12.19 20.79 24.54
CA ARG D 156 12.45 20.29 25.89
C ARG D 156 12.53 18.77 25.93
N LEU D 157 11.62 18.09 25.24
CA LEU D 157 11.60 16.63 25.29
C LEU D 157 12.78 16.02 24.53
N LEU D 158 13.13 16.57 23.37
CA LEU D 158 14.33 16.11 22.68
C LEU D 158 15.59 16.38 23.50
N PHE D 159 15.65 17.51 24.17
CA PHE D 159 16.79 17.77 25.04
C PHE D 159 16.89 16.72 26.14
N GLU D 160 15.75 16.33 26.72
CA GLU D 160 15.82 15.38 27.83
C GLU D 160 16.15 13.96 27.34
N LEU D 161 15.70 13.59 26.13
CA LEU D 161 16.17 12.34 25.54
C LEU D 161 17.70 12.30 25.53
N LEU D 162 18.32 13.37 25.04
CA LEU D 162 19.77 13.44 24.97
C LEU D 162 20.40 13.45 26.37
N LYS D 163 19.96 14.37 27.23
CA LYS D 163 20.59 14.54 28.54
C LYS D 163 20.44 13.29 29.41
N LEU D 164 19.23 12.73 29.48
CA LEU D 164 19.02 11.59 30.38
C LEU D 164 19.75 10.34 29.87
N SER D 165 19.73 10.09 28.55
CA SER D 165 20.44 8.91 28.03
C SER D 165 21.93 8.98 28.33
N LEU D 166 22.54 10.14 28.11
CA LEU D 166 23.97 10.30 28.38
C LEU D 166 24.25 10.20 29.88
N SER D 167 23.38 10.77 30.70
CA SER D 167 23.48 10.59 32.15
C SER D 167 23.53 9.12 32.52
N ILE D 168 22.60 8.32 31.98
CA ILE D 168 22.58 6.89 32.25
C ILE D 168 23.86 6.22 31.74
N LEU D 169 24.27 6.56 30.51
CA LEU D 169 25.38 5.89 29.87
C LEU D 169 26.75 6.31 30.41
N SER D 170 26.86 7.51 30.99
CA SER D 170 28.15 7.96 31.51
C SER D 170 28.50 7.31 32.84
N TYR D 171 27.47 6.97 33.62
CA TYR D 171 27.60 6.51 35.01
C TYR D 171 28.44 5.23 35.13
N SER D 172 28.62 4.45 34.06
CA SER D 172 29.28 3.17 34.30
C SER D 172 30.11 2.66 33.13
N ASP D 173 31.06 1.80 33.50
CA ASP D 173 31.90 1.00 32.61
C ASP D 173 31.13 0.27 31.51
N LYS D 174 30.12 -0.51 31.91
CA LYS D 174 29.46 -1.52 31.09
C LYS D 174 28.65 -0.91 29.95
N SER D 175 28.54 0.42 29.89
CA SER D 175 27.93 1.10 28.75
C SER D 175 28.62 0.75 27.44
N SER D 176 29.92 0.43 27.50
CA SER D 176 30.70 0.16 26.29
C SER D 176 30.24 -1.10 25.57
N GLN D 177 29.42 -1.94 26.20
CA GLN D 177 28.81 -3.04 25.46
C GLN D 177 27.64 -2.57 24.64
N TRP D 178 27.10 -1.39 24.93
CA TRP D 178 25.87 -0.91 24.32
C TRP D 178 26.09 0.14 23.24
N ILE D 179 27.20 0.88 23.27
CA ILE D 179 27.35 2.03 22.40
C ILE D 179 28.80 2.16 21.99
N SER D 180 29.01 2.49 20.72
CA SER D 180 30.36 2.74 20.24
C SER D 180 30.92 4.03 20.81
N GLU D 181 32.25 4.11 20.88
CA GLU D 181 32.88 5.36 21.32
CA GLU D 181 32.91 5.35 21.29
C GLU D 181 32.48 6.51 20.41
N GLU D 182 32.39 6.25 19.10
CA GLU D 182 32.01 7.30 18.14
C GLU D 182 30.62 7.85 18.44
N GLU D 183 29.64 6.97 18.60
CA GLU D 183 28.28 7.48 18.82
C GLU D 183 28.18 8.17 20.17
N TYR D 184 28.75 7.59 21.22
CA TYR D 184 28.77 8.27 22.51
C TYR D 184 29.41 9.66 22.39
N ASP D 185 30.56 9.75 21.72
CA ASP D 185 31.24 11.04 21.61
C ASP D 185 30.40 12.07 20.85
N GLU D 186 29.74 11.63 19.77
CA GLU D 186 28.88 12.54 19.01
C GLU D 186 27.75 13.11 19.87
N LEU D 187 27.10 12.24 20.65
CA LEU D 187 26.00 12.69 21.52
C LEU D 187 26.51 13.60 22.63
N LYS D 188 27.62 13.21 23.28
CA LYS D 188 28.19 14.06 24.33
C LYS D 188 28.55 15.44 23.78
N ARG D 189 29.10 15.49 22.57
CA ARG D 189 29.40 16.79 21.95
C ARG D 189 28.11 17.58 21.68
N SER D 190 27.05 16.91 21.24
CA SER D 190 25.79 17.63 21.02
C SER D 190 25.25 18.19 22.32
N LEU D 191 25.54 17.54 23.45
CA LEU D 191 25.07 18.04 24.75
C LEU D 191 25.95 19.17 25.25
N THR D 192 27.27 18.96 25.23
CA THR D 192 28.18 19.98 25.77
C THR D 192 28.10 21.29 24.97
N THR D 193 27.88 21.21 23.65
CA THR D 193 27.73 22.41 22.82
C THR D 193 26.27 22.73 22.51
N TYR D 194 25.33 22.28 23.35
CA TYR D 194 23.92 22.48 23.04
C TYR D 194 23.58 23.96 23.00
N ASP D 195 22.86 24.37 21.95
CA ASP D 195 22.42 25.75 21.81
C ASP D 195 21.16 25.91 22.66
N PHE D 196 21.33 26.45 23.86
CA PHE D 196 20.23 26.61 24.81
C PHE D 196 19.36 27.82 24.51
N LYS D 197 19.70 28.63 23.50
CA LYS D 197 18.91 29.81 23.19
C LYS D 197 17.46 29.45 22.90
N THR D 198 17.22 28.26 22.37
CA THR D 198 15.89 27.81 22.00
C THR D 198 15.17 27.07 23.13
N LEU D 199 15.85 26.78 24.21
CA LEU D 199 15.28 26.04 25.30
C LEU D 199 15.58 26.70 26.64
P PO4 E . -19.71 -8.16 -21.40
O1 PO4 E . -20.51 -8.49 -22.64
O2 PO4 E . -20.04 -9.14 -20.31
O3 PO4 E . -20.08 -6.77 -20.95
O4 PO4 E . -18.25 -8.25 -21.71
P PO4 F . 29.66 6.99 8.18
O1 PO4 F . 28.58 8.00 7.90
O2 PO4 F . 29.50 5.79 7.27
O3 PO4 F . 29.68 6.57 9.63
O4 PO4 F . 30.99 7.64 7.90
P PO4 G . -27.44 -4.20 -4.00
O1 PO4 G . -28.06 -2.92 -3.54
O2 PO4 G . -28.10 -4.70 -5.25
O3 PO4 G . -27.46 -5.23 -2.88
O4 PO4 G . -25.99 -3.99 -4.36
P PO4 H . 17.47 -5.75 -1.66
O1 PO4 H . 16.06 -5.66 -1.13
O2 PO4 H . 17.40 -6.19 -3.10
O3 PO4 H . 18.14 -4.40 -1.62
O4 PO4 H . 18.28 -6.73 -0.86
#